data_1U2Z
#
_entry.id   1U2Z
#
_cell.length_a   73.070
_cell.length_b   146.275
_cell.length_c   75.412
_cell.angle_alpha   90.00
_cell.angle_beta   97.68
_cell.angle_gamma   90.00
#
_symmetry.space_group_name_H-M   'P 1 21 1'
#
loop_
_entity.id
_entity.type
_entity.pdbx_description
1 polymer 'Histone-lysine N-methyltransferase, H3 lysine-79 specific'
2 non-polymer S-ADENOSYL-L-HOMOCYSTEINE
3 water water
#
_entity_poly.entity_id   1
_entity_poly.type   'polypeptide(L)'
_entity_poly.pdbx_seq_one_letter_code
;MGHHHHHHKKPLKKGRANKKNDRDSPSSTFVDWNGPCLRLQYPLFDIEYLRSHEIYSGTPIQSISLRTNSPQPTSLTSDN
DTSSVTTAKLQSILFSNYMEEYKVDFKRSTAIYNPMSEIGKLIEYSCLVFLPSPYAEQLKETILPDLNASFDNSDTKGFV
NAINLYNKMIREIPRQRIIDHLETIDKIPRSFIHDFLHIVYTRSIHPQANKLKHYKAFSNYVYGELLPNFLSDVYQQCQL
KKGDTFMDLGSGVGNCVVQAALECGCALSFGCEIMDDASDLTILQYEELKKRCKLYGMRLNNVEFSLKKSFVDNNRVAEL
IPQCDVILVNNFLFDEDLNKKVEKILQTAKVGCKIISLKSLRSLTYQINFYNVENIFNRLKVQRYDLKEDSVSWTHSGGE
YYISTVMEDVDESLFSPAARGRRNRGTPVKYTR
;
_entity_poly.pdbx_strand_id   A,B,C
#
# COMPACT_ATOMS: atom_id res chain seq x y z
N SER A 27 45.39 25.21 13.33
CA SER A 27 44.38 24.37 14.02
C SER A 27 42.97 24.57 13.44
N SER A 28 42.40 23.50 12.91
CA SER A 28 41.07 23.54 12.31
C SER A 28 40.15 22.44 12.85
N THR A 29 38.87 22.55 12.54
CA THR A 29 37.88 21.57 12.97
C THR A 29 37.22 20.94 11.74
N PHE A 30 36.57 19.79 11.92
CA PHE A 30 35.92 19.14 10.80
C PHE A 30 34.56 19.78 10.53
N VAL A 31 34.01 20.44 11.54
CA VAL A 31 32.73 21.10 11.40
C VAL A 31 32.83 22.55 11.86
N ASP A 32 32.02 23.42 11.30
CA ASP A 32 32.08 24.83 11.69
C ASP A 32 31.33 25.06 12.99
N TRP A 33 32.08 25.09 14.10
CA TRP A 33 31.46 25.31 15.40
C TRP A 33 30.84 26.71 15.51
N ASN A 34 30.95 27.50 14.45
CA ASN A 34 30.39 28.84 14.43
C ASN A 34 29.28 28.99 13.39
N GLY A 35 28.90 27.88 12.77
CA GLY A 35 27.87 27.88 11.75
C GLY A 35 26.49 28.23 12.28
N PRO A 36 25.51 28.42 11.40
CA PRO A 36 24.13 28.76 11.81
C PRO A 36 23.48 27.54 12.42
N CYS A 37 22.65 27.74 13.44
CA CYS A 37 21.95 26.63 14.07
C CYS A 37 20.49 26.56 13.63
N LEU A 38 20.03 25.35 13.31
CA LEU A 38 18.65 25.15 12.88
C LEU A 38 17.73 24.87 14.05
N ARG A 39 16.56 25.50 14.04
CA ARG A 39 15.55 25.33 15.08
C ARG A 39 14.73 24.08 14.77
N LEU A 40 14.65 23.15 15.73
CA LEU A 40 13.85 21.95 15.51
C LEU A 40 12.39 22.33 15.66
N GLN A 41 11.59 22.14 14.62
CA GLN A 41 10.18 22.48 14.71
C GLN A 41 9.28 21.23 14.68
N TYR A 42 9.84 20.10 15.08
CA TYR A 42 9.12 18.82 15.15
C TYR A 42 10.02 17.85 15.93
N PRO A 43 9.45 16.74 16.45
CA PRO A 43 10.18 15.73 17.22
C PRO A 43 11.23 14.99 16.40
N LEU A 44 12.41 15.57 16.20
CA LEU A 44 13.43 14.89 15.42
C LEU A 44 13.95 13.61 16.04
N PHE A 45 14.20 13.61 17.35
CA PHE A 45 14.70 12.41 18.02
C PHE A 45 13.57 11.68 18.73
N ASP A 46 13.40 10.39 18.43
CA ASP A 46 12.34 9.60 19.05
C ASP A 46 12.90 9.00 20.34
N ILE A 47 12.73 9.74 21.43
CA ILE A 47 13.21 9.34 22.74
C ILE A 47 12.70 7.98 23.21
N GLU A 48 11.41 7.70 23.02
CA GLU A 48 10.86 6.43 23.46
C GLU A 48 11.46 5.27 22.68
N TYR A 49 11.70 5.48 21.39
CA TYR A 49 12.30 4.45 20.55
C TYR A 49 13.66 4.09 21.14
N LEU A 50 14.47 5.10 21.43
CA LEU A 50 15.80 4.88 21.97
C LEU A 50 15.80 4.17 23.32
N ARG A 51 14.89 4.58 24.19
CA ARG A 51 14.79 3.95 25.51
C ARG A 51 14.28 2.51 25.44
N SER A 52 13.63 2.15 24.34
CA SER A 52 13.11 0.80 24.17
C SER A 52 13.95 -0.04 23.22
N HIS A 53 14.95 0.55 22.58
CA HIS A 53 15.80 -0.20 21.65
C HIS A 53 17.28 0.01 21.93
N GLU A 54 17.95 -1.07 22.33
CA GLU A 54 19.37 -0.99 22.68
C GLU A 54 20.25 -1.76 21.69
N ILE A 55 19.63 -2.56 20.83
CA ILE A 55 20.36 -3.37 19.85
C ILE A 55 19.98 -3.02 18.41
N TYR A 56 20.95 -2.53 17.65
CA TYR A 56 20.70 -2.16 16.27
C TYR A 56 20.80 -3.38 15.36
N SER A 57 19.78 -3.61 14.53
CA SER A 57 19.76 -4.76 13.64
C SER A 57 19.74 -4.35 12.16
N GLY A 58 19.77 -3.04 11.90
CA GLY A 58 19.73 -2.56 10.53
C GLY A 58 20.92 -3.04 9.72
N THR A 59 20.80 -2.98 8.40
CA THR A 59 21.87 -3.41 7.51
C THR A 59 22.38 -2.26 6.62
N PRO A 60 22.89 -1.17 7.22
CA PRO A 60 23.40 -0.02 6.46
C PRO A 60 24.62 -0.39 5.63
N ILE A 61 24.83 0.30 4.52
CA ILE A 61 25.99 0.04 3.67
C ILE A 61 27.23 0.55 4.42
N GLN A 62 28.16 -0.35 4.68
CA GLN A 62 29.39 -0.01 5.39
C GLN A 62 30.34 0.70 4.43
N SER A 63 30.92 1.81 4.87
CA SER A 63 31.84 2.55 4.01
C SER A 63 32.96 1.71 3.42
N ILE A 64 33.54 0.85 4.27
CA ILE A 64 34.65 -0.01 3.84
C ILE A 64 34.29 -0.92 2.68
N SER A 65 33.00 -1.07 2.39
CA SER A 65 32.55 -1.93 1.29
C SER A 65 32.54 -1.21 -0.05
N LEU A 66 32.73 0.11 -0.03
CA LEU A 66 32.73 0.90 -1.26
C LEU A 66 34.14 0.91 -1.86
N ARG A 67 34.22 1.08 -3.17
CA ARG A 67 35.51 1.14 -3.83
C ARG A 67 35.45 1.92 -5.13
N THR A 86 45.18 0.52 5.86
CA THR A 86 44.81 0.47 7.27
C THR A 86 43.30 0.73 7.43
N THR A 87 42.72 0.23 8.51
CA THR A 87 41.30 0.43 8.77
C THR A 87 41.06 0.82 10.23
N ALA A 88 39.85 1.30 10.49
CA ALA A 88 39.45 1.70 11.83
C ALA A 88 37.93 1.55 11.91
N LYS A 89 37.44 1.20 13.08
CA LYS A 89 36.01 1.05 13.29
C LYS A 89 35.52 2.20 14.16
N LEU A 90 34.37 2.76 13.80
CA LEU A 90 33.78 3.86 14.56
C LEU A 90 32.64 3.28 15.37
N GLN A 91 32.70 3.47 16.69
CA GLN A 91 31.67 2.92 17.56
C GLN A 91 30.43 3.78 17.62
N SER A 92 29.28 3.16 17.38
CA SER A 92 28.01 3.88 17.43
C SER A 92 27.81 4.47 18.81
N ILE A 93 27.40 5.73 18.84
CA ILE A 93 27.17 6.45 20.07
C ILE A 93 25.93 5.99 20.85
N LEU A 94 24.94 5.44 20.16
CA LEU A 94 23.70 5.01 20.79
C LEU A 94 23.51 3.50 20.90
N PHE A 95 24.11 2.76 19.97
CA PHE A 95 23.96 1.32 20.00
C PHE A 95 25.30 0.62 20.23
N SER A 96 25.45 0.06 21.41
CA SER A 96 26.66 -0.62 21.83
C SER A 96 27.16 -1.69 20.86
N ASN A 97 26.24 -2.39 20.20
CA ASN A 97 26.62 -3.45 19.28
C ASN A 97 26.99 -3.01 17.85
N TYR A 98 26.83 -1.74 17.54
CA TYR A 98 27.14 -1.29 16.19
C TYR A 98 28.48 -0.58 16.07
N MET A 99 29.26 -1.00 15.07
CA MET A 99 30.55 -0.41 14.75
C MET A 99 30.66 -0.41 13.24
N GLU A 100 31.22 0.64 12.67
CA GLU A 100 31.37 0.71 11.22
C GLU A 100 32.85 0.86 10.86
N GLU A 101 33.31 0.00 9.97
CA GLU A 101 34.71 0.02 9.55
C GLU A 101 34.97 0.96 8.37
N TYR A 102 36.00 1.80 8.50
CA TYR A 102 36.38 2.74 7.45
C TYR A 102 37.81 2.45 6.98
N LYS A 103 38.04 2.62 5.68
CA LYS A 103 39.37 2.43 5.09
C LYS A 103 40.11 3.74 5.31
N VAL A 104 41.26 3.69 5.97
CA VAL A 104 42.02 4.91 6.26
C VAL A 104 43.29 5.03 5.42
N ASP A 105 43.27 5.91 4.42
CA ASP A 105 44.44 6.10 3.54
C ASP A 105 44.60 7.55 3.13
N PHE A 106 45.64 8.22 3.61
CA PHE A 106 45.88 9.62 3.25
C PHE A 106 46.57 9.75 1.89
N LYS A 107 47.15 8.64 1.42
CA LYS A 107 47.81 8.61 0.11
C LYS A 107 46.73 8.37 -0.95
N ARG A 108 46.23 7.14 -1.02
CA ARG A 108 45.20 6.74 -1.99
C ARG A 108 44.12 7.80 -2.22
N SER A 109 44.37 8.67 -3.18
CA SER A 109 43.43 9.71 -3.54
C SER A 109 42.94 10.53 -2.35
N THR A 110 41.64 10.39 -2.10
CA THR A 110 40.88 11.08 -1.06
C THR A 110 40.00 12.04 -1.88
N ALA A 111 39.91 13.31 -1.49
CA ALA A 111 39.08 14.28 -2.22
C ALA A 111 37.59 13.96 -2.10
N ILE A 112 36.85 14.08 -3.20
CA ILE A 112 35.40 13.82 -3.20
C ILE A 112 34.94 13.00 -2.00
N TYR A 113 34.98 11.68 -2.07
CA TYR A 113 34.57 10.92 -0.90
C TYR A 113 35.79 10.63 -0.04
N ASN A 114 35.83 11.27 1.12
CA ASN A 114 36.93 11.13 2.05
C ASN A 114 36.45 10.45 3.34
N PRO A 115 36.75 9.15 3.49
CA PRO A 115 36.33 8.41 4.69
C PRO A 115 36.77 9.07 6.00
N MET A 116 38.02 9.52 6.07
CA MET A 116 38.54 10.16 7.28
C MET A 116 37.78 11.45 7.63
N SER A 117 37.37 12.17 6.59
CA SER A 117 36.64 13.41 6.76
C SER A 117 35.27 13.16 7.41
N GLU A 118 34.61 12.07 7.01
CA GLU A 118 33.31 11.73 7.57
C GLU A 118 33.44 11.43 9.07
N ILE A 119 34.43 10.62 9.42
CA ILE A 119 34.70 10.25 10.80
C ILE A 119 34.94 11.50 11.63
N GLY A 120 35.79 12.38 11.13
CA GLY A 120 36.07 13.61 11.84
C GLY A 120 34.79 14.37 12.14
N LYS A 121 33.91 14.46 11.14
CA LYS A 121 32.64 15.16 11.33
C LYS A 121 31.73 14.45 12.33
N LEU A 122 31.63 13.12 12.22
CA LEU A 122 30.78 12.36 13.14
C LEU A 122 31.25 12.49 14.58
N ILE A 123 32.54 12.32 14.80
CA ILE A 123 33.11 12.43 16.14
C ILE A 123 32.88 13.83 16.70
N GLU A 124 33.04 14.85 15.86
CA GLU A 124 32.82 16.21 16.32
C GLU A 124 31.35 16.46 16.61
N TYR A 125 30.47 15.89 15.79
CA TYR A 125 29.05 16.05 16.00
C TYR A 125 28.65 15.43 17.34
N SER A 126 29.36 14.39 17.77
CA SER A 126 29.07 13.78 19.06
C SER A 126 29.30 14.85 20.12
N CYS A 127 30.49 15.43 20.10
CA CYS A 127 30.88 16.48 21.03
C CYS A 127 30.02 17.73 20.91
N LEU A 128 29.53 17.99 19.71
CA LEU A 128 28.71 19.17 19.47
C LEU A 128 27.23 19.00 19.80
N VAL A 129 26.68 17.84 19.43
CA VAL A 129 25.25 17.59 19.62
C VAL A 129 24.80 16.48 20.57
N PHE A 130 25.35 15.28 20.42
CA PHE A 130 24.92 14.12 21.22
C PHE A 130 25.40 13.90 22.66
N LEU A 131 26.43 14.61 23.12
CA LEU A 131 26.91 14.38 24.49
C LEU A 131 26.53 15.45 25.51
N PRO A 132 26.20 15.02 26.74
CA PRO A 132 25.80 15.89 27.85
C PRO A 132 27.00 16.51 28.51
N SER A 133 26.89 17.68 29.11
CA SER A 133 28.10 17.99 29.85
C SER A 133 28.13 16.75 30.85
N PRO A 134 29.33 16.29 31.17
CA PRO A 134 30.79 16.49 31.16
C PRO A 134 31.45 15.82 30.09
N TYR A 135 30.86 14.73 29.66
CA TYR A 135 31.58 13.99 28.68
C TYR A 135 31.90 14.82 27.48
N ALA A 136 31.02 15.74 27.12
CA ALA A 136 31.27 16.58 25.94
C ALA A 136 32.63 17.27 26.10
N GLU A 137 33.00 17.55 27.35
CA GLU A 137 34.25 18.21 27.66
C GLU A 137 35.42 17.28 27.44
N GLN A 138 35.42 16.18 28.17
CA GLN A 138 36.49 15.22 28.09
C GLN A 138 36.79 14.94 26.60
N LEU A 139 35.76 14.52 25.84
CA LEU A 139 35.89 14.24 24.42
C LEU A 139 36.50 15.43 23.66
N LYS A 140 35.91 16.60 23.88
CA LYS A 140 36.35 17.82 23.22
C LYS A 140 37.86 18.10 23.38
N GLU A 141 38.34 18.03 24.61
CA GLU A 141 39.75 18.29 24.91
C GLU A 141 40.68 17.10 24.68
N THR A 142 40.21 15.91 25.03
CA THR A 142 41.00 14.68 24.92
C THR A 142 41.19 14.10 23.50
N ILE A 143 40.17 14.17 22.66
CA ILE A 143 40.29 13.59 21.32
C ILE A 143 40.41 14.54 20.14
N LEU A 144 39.60 15.58 20.12
CA LEU A 144 39.57 16.50 18.99
C LEU A 144 40.89 17.14 18.55
N PRO A 145 41.72 17.61 19.50
CA PRO A 145 42.99 18.23 19.09
C PRO A 145 43.87 17.29 18.27
N ASP A 146 44.06 16.07 18.77
CA ASP A 146 44.88 15.07 18.10
C ASP A 146 44.21 14.50 16.85
N LEU A 147 42.89 14.39 16.88
CA LEU A 147 42.17 13.88 15.73
C LEU A 147 42.40 14.83 14.55
N ASN A 148 42.21 16.12 14.80
CA ASN A 148 42.40 17.13 13.77
C ASN A 148 43.83 17.24 13.26
N ALA A 149 44.80 17.26 14.18
CA ALA A 149 46.19 17.36 13.79
C ALA A 149 46.60 16.14 12.98
N SER A 150 46.36 14.95 13.54
CA SER A 150 46.72 13.72 12.86
C SER A 150 46.20 13.78 11.42
N PHE A 151 44.98 14.28 11.27
CA PHE A 151 44.36 14.40 9.96
C PHE A 151 45.19 15.34 9.08
N ASP A 152 45.29 16.59 9.50
CA ASP A 152 46.03 17.59 8.73
C ASP A 152 47.43 17.14 8.33
N ASN A 153 48.06 16.34 9.18
CA ASN A 153 49.41 15.88 8.89
C ASN A 153 49.48 14.55 8.15
N SER A 154 48.32 14.01 7.78
CA SER A 154 48.26 12.73 7.07
C SER A 154 48.94 11.67 7.94
N ASP A 155 48.78 11.84 9.25
CA ASP A 155 49.34 10.93 10.24
C ASP A 155 48.34 9.81 10.51
N THR A 156 48.53 8.66 9.84
CA THR A 156 47.64 7.51 9.98
C THR A 156 47.52 6.93 11.39
N LYS A 157 48.65 6.50 11.94
CA LYS A 157 48.66 5.91 13.27
C LYS A 157 48.09 6.81 14.36
N GLY A 158 48.35 8.11 14.25
CA GLY A 158 47.82 9.04 15.23
C GLY A 158 46.32 9.21 15.08
N PHE A 159 45.87 9.25 13.83
CA PHE A 159 44.45 9.41 13.53
C PHE A 159 43.65 8.21 14.04
N VAL A 160 44.14 7.01 13.80
CA VAL A 160 43.48 5.79 14.26
C VAL A 160 43.47 5.71 15.78
N ASN A 161 44.57 6.12 16.40
CA ASN A 161 44.65 6.10 17.86
C ASN A 161 43.60 7.00 18.49
N ALA A 162 43.39 8.16 17.87
CA ALA A 162 42.39 9.09 18.38
C ALA A 162 41.00 8.46 18.24
N ILE A 163 40.78 7.71 17.16
CA ILE A 163 39.48 7.05 16.94
C ILE A 163 39.28 6.01 18.03
N ASN A 164 40.25 5.11 18.18
CA ASN A 164 40.17 4.07 19.18
C ASN A 164 40.00 4.65 20.59
N LEU A 165 40.62 5.80 20.84
CA LEU A 165 40.49 6.43 22.14
C LEU A 165 39.07 6.96 22.26
N TYR A 166 38.54 7.46 21.14
CA TYR A 166 37.18 7.97 21.12
C TYR A 166 36.18 6.86 21.46
N ASN A 167 36.37 5.69 20.85
CA ASN A 167 35.49 4.56 21.10
C ASN A 167 35.52 4.13 22.57
N LYS A 168 36.72 4.00 23.13
CA LYS A 168 36.87 3.60 24.52
C LYS A 168 36.13 4.54 25.45
N MET A 169 36.28 5.84 25.20
CA MET A 169 35.61 6.83 26.04
C MET A 169 34.09 6.76 25.90
N ILE A 170 33.60 6.65 24.67
CA ILE A 170 32.15 6.58 24.42
C ILE A 170 31.49 5.41 25.15
N ARG A 171 32.14 4.26 25.17
CA ARG A 171 31.60 3.08 25.84
C ARG A 171 31.51 3.21 27.36
N GLU A 172 32.15 4.24 27.91
CA GLU A 172 32.11 4.45 29.35
C GLU A 172 30.97 5.37 29.80
N ILE A 173 30.27 5.95 28.84
CA ILE A 173 29.17 6.85 29.16
C ILE A 173 27.86 6.08 29.33
N PRO A 174 27.15 6.34 30.44
CA PRO A 174 25.87 5.66 30.72
C PRO A 174 24.92 6.02 29.59
N ARG A 175 24.43 5.00 28.88
CA ARG A 175 23.53 5.21 27.74
C ARG A 175 22.39 6.16 28.04
N GLN A 176 21.73 5.97 29.17
CA GLN A 176 20.61 6.82 29.53
C GLN A 176 20.96 8.30 29.65
N ARG A 177 22.24 8.61 29.85
CA ARG A 177 22.66 10.01 29.94
C ARG A 177 22.65 10.62 28.55
N ILE A 178 23.11 9.86 27.57
CA ILE A 178 23.13 10.34 26.20
C ILE A 178 21.70 10.59 25.75
N ILE A 179 20.81 9.63 26.03
CA ILE A 179 19.43 9.75 25.62
C ILE A 179 18.73 10.90 26.32
N ASP A 180 18.95 11.03 27.63
CA ASP A 180 18.34 12.13 28.38
C ASP A 180 18.76 13.47 27.77
N HIS A 181 19.98 13.52 27.25
CA HIS A 181 20.48 14.75 26.64
C HIS A 181 19.76 15.05 25.32
N LEU A 182 19.67 14.05 24.43
CA LEU A 182 18.99 14.23 23.14
C LEU A 182 17.63 14.85 23.36
N GLU A 183 16.99 14.44 24.46
CA GLU A 183 15.65 14.91 24.83
C GLU A 183 15.58 16.41 25.09
N THR A 184 16.72 17.04 25.37
CA THR A 184 16.73 18.47 25.65
C THR A 184 17.03 19.34 24.42
N ILE A 185 17.58 18.72 23.38
CA ILE A 185 17.93 19.46 22.16
C ILE A 185 16.74 20.12 21.47
N ASP A 186 16.85 21.42 21.23
CA ASP A 186 15.79 22.16 20.57
C ASP A 186 16.34 22.86 19.33
N LYS A 187 17.67 22.85 19.19
CA LYS A 187 18.33 23.48 18.05
C LYS A 187 19.52 22.61 17.67
N ILE A 188 19.86 22.59 16.39
CA ILE A 188 21.02 21.81 15.94
C ILE A 188 21.76 22.54 14.83
N PRO A 189 23.05 22.24 14.65
CA PRO A 189 23.84 22.90 13.61
C PRO A 189 23.21 22.64 12.24
N ARG A 190 23.09 23.70 11.44
CA ARG A 190 22.52 23.57 10.10
C ARG A 190 23.27 22.50 9.31
N SER A 191 24.56 22.36 9.56
CA SER A 191 25.38 21.38 8.86
C SER A 191 25.12 19.91 9.24
N PHE A 192 24.45 19.66 10.35
CA PHE A 192 24.20 18.27 10.74
C PHE A 192 23.43 17.51 9.69
N ILE A 193 22.22 17.97 9.40
CA ILE A 193 21.40 17.32 8.39
C ILE A 193 22.17 17.20 7.08
N HIS A 194 22.86 18.26 6.69
CA HIS A 194 23.65 18.24 5.46
C HIS A 194 24.67 17.10 5.49
N ASP A 195 25.46 17.02 6.55
CA ASP A 195 26.47 15.97 6.66
C ASP A 195 25.85 14.58 6.81
N PHE A 196 24.71 14.51 7.50
CA PHE A 196 24.02 13.23 7.69
C PHE A 196 23.57 12.72 6.32
N LEU A 197 23.01 13.62 5.51
CA LEU A 197 22.55 13.26 4.18
C LEU A 197 23.71 12.95 3.26
N HIS A 198 24.83 13.63 3.45
CA HIS A 198 25.99 13.38 2.61
C HIS A 198 26.49 11.96 2.84
N ILE A 199 26.44 11.50 4.09
CA ILE A 199 26.87 10.14 4.40
C ILE A 199 26.02 9.16 3.60
N VAL A 200 24.70 9.33 3.66
CA VAL A 200 23.78 8.46 2.93
C VAL A 200 24.10 8.51 1.44
N TYR A 201 24.33 9.72 0.96
CA TYR A 201 24.64 9.95 -0.45
C TYR A 201 25.94 9.26 -0.89
N THR A 202 26.98 9.36 -0.08
CA THR A 202 28.25 8.73 -0.43
C THR A 202 28.08 7.21 -0.56
N ARG A 203 27.17 6.67 0.25
CA ARG A 203 26.90 5.23 0.26
C ARG A 203 26.00 4.65 -0.81
N SER A 204 25.01 5.43 -1.22
CA SER A 204 24.05 4.93 -2.20
C SER A 204 24.08 5.57 -3.59
N ILE A 205 24.45 6.84 -3.67
CA ILE A 205 24.48 7.53 -4.95
C ILE A 205 25.86 7.55 -5.61
N HIS A 206 26.86 8.03 -4.87
CA HIS A 206 28.21 8.13 -5.38
C HIS A 206 28.72 6.89 -6.15
N PRO A 207 28.59 5.69 -5.56
CA PRO A 207 29.07 4.48 -6.25
C PRO A 207 28.56 4.31 -7.69
N GLN A 208 27.33 4.75 -7.96
CA GLN A 208 26.76 4.62 -9.30
C GLN A 208 26.42 5.95 -9.97
N ALA A 209 27.08 7.02 -9.54
CA ALA A 209 26.81 8.35 -10.10
C ALA A 209 26.88 8.44 -11.63
N ASN A 210 27.74 7.62 -12.23
CA ASN A 210 27.90 7.62 -13.68
C ASN A 210 26.64 7.22 -14.43
N LYS A 211 25.74 6.49 -13.76
CA LYS A 211 24.50 6.05 -14.39
C LYS A 211 23.52 7.19 -14.58
N LEU A 212 23.80 8.31 -13.92
CA LEU A 212 22.94 9.48 -14.01
C LEU A 212 23.36 10.38 -15.17
N LYS A 213 24.49 10.06 -15.79
CA LYS A 213 24.98 10.87 -16.89
C LYS A 213 25.07 10.16 -18.25
N HIS A 214 24.05 9.39 -18.59
CA HIS A 214 24.03 8.67 -19.87
C HIS A 214 23.62 9.65 -20.96
N TYR A 215 24.09 9.40 -22.19
CA TYR A 215 23.79 10.28 -23.31
C TYR A 215 22.36 10.81 -23.22
N LYS A 216 22.24 12.14 -23.24
CA LYS A 216 20.94 12.79 -23.15
C LYS A 216 20.49 13.40 -24.48
N ALA A 217 19.47 12.79 -25.09
CA ALA A 217 18.95 13.26 -26.36
C ALA A 217 18.31 14.64 -26.22
N PHE A 218 17.65 14.86 -25.07
CA PHE A 218 16.99 16.13 -24.79
C PHE A 218 17.49 16.76 -23.50
N SER A 219 17.70 18.07 -23.53
CA SER A 219 18.17 18.80 -22.37
C SER A 219 17.19 18.64 -21.21
N ASN A 220 15.94 18.29 -21.53
CA ASN A 220 14.92 18.12 -20.51
C ASN A 220 15.30 17.11 -19.44
N TYR A 221 16.05 16.08 -19.84
CA TYR A 221 16.44 15.03 -18.90
C TYR A 221 17.88 15.07 -18.40
N VAL A 222 18.55 16.19 -18.62
CA VAL A 222 19.92 16.34 -18.15
C VAL A 222 19.87 16.56 -16.65
N TYR A 223 20.59 15.71 -15.91
CA TYR A 223 20.60 15.77 -14.46
C TYR A 223 21.39 16.95 -13.88
N GLY A 224 20.74 17.68 -12.99
CA GLY A 224 21.36 18.82 -12.34
C GLY A 224 20.95 18.78 -10.87
N GLU A 225 21.84 19.16 -9.96
CA GLU A 225 21.51 19.12 -8.54
C GLU A 225 21.48 20.46 -7.82
N LEU A 226 20.47 20.64 -6.97
CA LEU A 226 20.41 21.85 -6.15
C LEU A 226 21.10 21.35 -4.89
N LEU A 227 22.08 22.12 -4.40
CA LEU A 227 22.88 21.74 -3.24
C LEU A 227 22.24 22.02 -1.88
N PRO A 228 22.62 21.23 -0.86
CA PRO A 228 22.11 21.35 0.52
C PRO A 228 21.96 22.75 1.11
N ASN A 229 23.01 23.57 1.03
CA ASN A 229 22.90 24.92 1.60
C ASN A 229 21.91 25.79 0.87
N PHE A 230 21.82 25.62 -0.44
CA PHE A 230 20.86 26.39 -1.22
C PHE A 230 19.45 25.94 -0.78
N LEU A 231 19.23 24.63 -0.75
CA LEU A 231 17.94 24.10 -0.32
C LEU A 231 17.54 24.64 1.06
N SER A 232 18.48 24.66 1.99
CA SER A 232 18.20 25.17 3.33
C SER A 232 17.76 26.63 3.28
N ASP A 233 18.44 27.44 2.48
CA ASP A 233 18.08 28.85 2.36
C ASP A 233 16.68 29.01 1.78
N VAL A 234 16.44 28.37 0.65
CA VAL A 234 15.15 28.46 0.00
C VAL A 234 13.99 27.88 0.79
N TYR A 235 14.19 26.79 1.52
CA TYR A 235 13.10 26.23 2.33
C TYR A 235 12.73 27.26 3.41
N GLN A 236 13.75 27.89 3.98
CA GLN A 236 13.53 28.90 5.01
C GLN A 236 12.80 30.14 4.43
N GLN A 237 13.22 30.60 3.25
CA GLN A 237 12.58 31.75 2.62
C GLN A 237 11.11 31.49 2.36
N CYS A 238 10.76 30.23 2.12
CA CYS A 238 9.37 29.87 1.84
C CYS A 238 8.66 29.44 3.10
N GLN A 239 9.38 29.47 4.21
CA GLN A 239 8.80 29.07 5.49
C GLN A 239 8.19 27.67 5.40
N LEU A 240 8.94 26.74 4.83
CA LEU A 240 8.49 25.34 4.74
C LEU A 240 8.45 24.94 6.22
N LYS A 241 7.32 24.41 6.69
CA LYS A 241 7.19 24.07 8.10
C LYS A 241 6.50 22.75 8.38
N LYS A 242 6.42 22.40 9.66
CA LYS A 242 5.77 21.17 10.07
C LYS A 242 4.34 21.12 9.52
N GLY A 243 3.92 19.95 9.05
CA GLY A 243 2.57 19.82 8.53
C GLY A 243 2.35 20.26 7.10
N ASP A 244 3.35 20.87 6.47
CA ASP A 244 3.23 21.32 5.08
C ASP A 244 3.39 20.15 4.11
N THR A 245 3.04 20.39 2.85
CA THR A 245 3.21 19.40 1.82
C THR A 245 4.23 20.00 0.88
N PHE A 246 5.26 19.24 0.57
CA PHE A 246 6.32 19.70 -0.31
C PHE A 246 6.39 18.80 -1.53
N MET A 247 6.56 19.41 -2.70
CA MET A 247 6.66 18.64 -3.93
C MET A 247 7.83 19.11 -4.80
N ASP A 248 8.53 18.13 -5.36
CA ASP A 248 9.64 18.43 -6.25
C ASP A 248 9.34 17.78 -7.60
N LEU A 249 9.06 18.61 -8.61
CA LEU A 249 8.77 18.13 -9.96
C LEU A 249 10.09 17.86 -10.65
N GLY A 250 10.42 16.59 -10.86
CA GLY A 250 11.68 16.24 -11.47
C GLY A 250 12.65 16.13 -10.29
N SER A 251 12.39 15.16 -9.41
CA SER A 251 13.17 14.95 -8.20
C SER A 251 14.57 14.33 -8.27
N GLY A 252 15.01 13.92 -9.46
CA GLY A 252 16.34 13.33 -9.58
C GLY A 252 16.49 12.09 -8.73
N VAL A 253 17.39 12.12 -7.74
CA VAL A 253 17.56 10.97 -6.86
C VAL A 253 16.94 11.22 -5.49
N GLY A 254 16.10 12.26 -5.41
CA GLY A 254 15.40 12.59 -4.18
C GLY A 254 16.06 13.48 -3.13
N ASN A 255 17.23 14.05 -3.43
CA ASN A 255 17.93 14.90 -2.45
C ASN A 255 17.07 16.02 -1.85
N CYS A 256 16.34 16.71 -2.70
CA CYS A 256 15.52 17.82 -2.25
C CYS A 256 14.34 17.34 -1.42
N VAL A 257 13.79 16.19 -1.80
CA VAL A 257 12.65 15.64 -1.07
C VAL A 257 13.04 15.19 0.34
N VAL A 258 14.10 14.38 0.46
CA VAL A 258 14.50 13.93 1.79
C VAL A 258 15.00 15.07 2.68
N GLN A 259 15.62 16.10 2.11
CA GLN A 259 16.08 17.20 2.95
C GLN A 259 14.88 17.97 3.49
N ALA A 260 13.86 18.13 2.66
CA ALA A 260 12.65 18.85 3.08
C ALA A 260 11.99 18.13 4.26
N ALA A 261 11.92 16.80 4.18
CA ALA A 261 11.32 16.02 5.25
C ALA A 261 12.12 16.13 6.55
N LEU A 262 13.42 15.91 6.48
CA LEU A 262 14.30 15.97 7.65
C LEU A 262 14.46 17.34 8.29
N GLU A 263 14.61 18.39 7.50
CA GLU A 263 14.79 19.64 8.12
C GLU A 263 13.52 20.45 8.43
N CYS A 264 12.38 20.14 7.81
CA CYS A 264 11.13 20.89 8.13
C CYS A 264 9.97 20.04 8.70
N GLY A 265 10.11 18.71 8.67
CA GLY A 265 9.07 17.85 9.21
C GLY A 265 7.73 18.00 8.49
N CYS A 266 7.79 18.05 7.16
CA CYS A 266 6.59 18.18 6.33
C CYS A 266 5.68 16.98 6.53
N ALA A 267 4.38 17.20 6.43
CA ALA A 267 3.42 16.11 6.57
C ALA A 267 3.66 15.15 5.42
N LEU A 268 4.11 15.70 4.30
CA LEU A 268 4.41 14.89 3.12
C LEU A 268 5.44 15.58 2.22
N SER A 269 6.48 14.84 1.88
CA SER A 269 7.52 15.33 0.99
C SER A 269 7.41 14.40 -0.20
N PHE A 270 7.04 14.96 -1.35
CA PHE A 270 6.82 14.18 -2.55
C PHE A 270 7.69 14.55 -3.74
N GLY A 271 8.09 13.55 -4.52
CA GLY A 271 8.91 13.82 -5.68
C GLY A 271 8.53 12.93 -6.85
N CYS A 272 8.62 13.48 -8.07
CA CYS A 272 8.32 12.70 -9.27
C CYS A 272 9.53 12.78 -10.20
N GLU A 273 10.00 11.64 -10.65
CA GLU A 273 11.15 11.59 -11.55
C GLU A 273 10.88 10.56 -12.62
N ILE A 274 11.25 10.87 -13.85
CA ILE A 274 10.99 9.97 -14.96
C ILE A 274 12.13 9.04 -15.35
N MET A 275 13.37 9.50 -15.21
CA MET A 275 14.52 8.68 -15.59
C MET A 275 14.64 7.39 -14.78
N ASP A 276 14.93 6.29 -15.48
CA ASP A 276 15.05 4.98 -14.86
C ASP A 276 16.21 4.83 -13.87
N ASP A 277 17.41 5.21 -14.26
CA ASP A 277 18.46 5.06 -13.29
C ASP A 277 18.37 6.04 -12.13
N ALA A 278 17.94 7.28 -12.37
CA ALA A 278 17.76 8.24 -11.27
C ALA A 278 16.72 7.64 -10.30
N SER A 279 15.72 6.96 -10.85
CA SER A 279 14.67 6.35 -10.04
C SER A 279 15.17 5.19 -9.21
N ASP A 280 16.06 4.37 -9.78
CA ASP A 280 16.55 3.25 -9.00
C ASP A 280 17.44 3.77 -7.88
N LEU A 281 18.23 4.78 -8.17
CA LEU A 281 19.12 5.35 -7.14
C LEU A 281 18.27 6.01 -6.03
N THR A 282 17.09 6.53 -6.39
CA THR A 282 16.21 7.17 -5.40
C THR A 282 15.82 6.14 -4.36
N ILE A 283 15.48 4.93 -4.82
CA ILE A 283 15.08 3.86 -3.93
C ILE A 283 16.23 3.43 -3.01
N LEU A 284 17.42 3.27 -3.59
CA LEU A 284 18.59 2.88 -2.80
C LEU A 284 18.88 3.93 -1.73
N GLN A 285 18.90 5.20 -2.13
CA GLN A 285 19.18 6.27 -1.17
C GLN A 285 18.10 6.34 -0.10
N TYR A 286 16.84 6.24 -0.50
CA TYR A 286 15.75 6.28 0.47
C TYR A 286 15.92 5.16 1.50
N GLU A 287 16.22 3.96 1.01
CA GLU A 287 16.41 2.80 1.86
C GLU A 287 17.56 2.99 2.85
N GLU A 288 18.69 3.47 2.36
CA GLU A 288 19.83 3.70 3.23
C GLU A 288 19.50 4.79 4.27
N LEU A 289 18.77 5.81 3.84
CA LEU A 289 18.39 6.91 4.73
C LEU A 289 17.55 6.42 5.93
N LYS A 290 16.59 5.55 5.66
CA LYS A 290 15.74 5.03 6.72
C LYS A 290 16.57 4.25 7.77
N LYS A 291 17.56 3.51 7.32
CA LYS A 291 18.40 2.74 8.22
C LYS A 291 19.27 3.65 9.09
N ARG A 292 19.89 4.64 8.46
CA ARG A 292 20.74 5.57 9.19
C ARG A 292 19.93 6.40 10.18
N CYS A 293 18.69 6.73 9.81
CA CYS A 293 17.84 7.50 10.72
C CYS A 293 17.62 6.68 11.98
N LYS A 294 17.38 5.37 11.81
CA LYS A 294 17.16 4.48 12.95
C LYS A 294 18.41 4.35 13.82
N LEU A 295 19.57 4.40 13.17
CA LEU A 295 20.83 4.28 13.89
C LEU A 295 21.01 5.49 14.81
N TYR A 296 20.32 6.58 14.51
CA TYR A 296 20.45 7.80 15.31
C TYR A 296 19.16 8.24 15.98
N GLY A 297 18.18 7.35 16.02
CA GLY A 297 16.90 7.69 16.64
C GLY A 297 16.17 8.89 16.05
N MET A 298 16.36 9.14 14.76
CA MET A 298 15.71 10.27 14.10
C MET A 298 14.41 9.87 13.41
N ARG A 299 13.39 10.71 13.54
CA ARG A 299 12.12 10.46 12.90
C ARG A 299 12.14 10.95 11.45
N LEU A 300 11.71 10.10 10.52
CA LEU A 300 11.65 10.50 9.11
C LEU A 300 10.18 10.54 8.72
N ASN A 301 9.65 11.75 8.52
CA ASN A 301 8.25 11.90 8.14
C ASN A 301 7.96 11.30 6.75
N ASN A 302 6.68 11.18 6.42
CA ASN A 302 6.28 10.60 5.12
C ASN A 302 7.00 11.15 3.91
N VAL A 303 7.68 10.24 3.21
CA VAL A 303 8.38 10.55 2.00
C VAL A 303 7.74 9.68 0.94
N GLU A 304 7.37 10.27 -0.19
CA GLU A 304 6.75 9.51 -1.27
C GLU A 304 7.31 9.92 -2.62
N PHE A 305 7.44 8.95 -3.52
CA PHE A 305 7.92 9.23 -4.86
C PHE A 305 7.03 8.59 -5.91
N SER A 306 6.97 9.23 -7.07
CA SER A 306 6.23 8.70 -8.22
C SER A 306 7.43 8.53 -9.16
N LEU A 307 7.92 7.31 -9.25
CA LEU A 307 9.11 7.04 -10.05
C LEU A 307 8.91 6.38 -11.40
N LYS A 308 9.90 6.56 -12.27
CA LYS A 308 9.89 6.03 -13.63
C LYS A 308 8.65 6.44 -14.40
N LYS A 309 8.16 7.64 -14.11
CA LYS A 309 7.00 8.15 -14.81
C LYS A 309 7.04 9.67 -14.88
N SER A 310 6.42 10.20 -15.93
CA SER A 310 6.37 11.64 -16.16
C SER A 310 5.48 12.35 -15.15
N PHE A 311 5.81 13.59 -14.80
CA PHE A 311 4.93 14.31 -13.89
C PHE A 311 3.79 14.95 -14.71
N VAL A 312 3.88 14.80 -16.04
CA VAL A 312 2.86 15.32 -16.96
C VAL A 312 1.78 14.24 -17.09
N ASP A 313 0.52 14.61 -16.86
CA ASP A 313 -0.59 13.66 -16.95
C ASP A 313 -0.40 12.59 -15.87
N ASN A 314 0.13 13.02 -14.73
CA ASN A 314 0.39 12.13 -13.61
C ASN A 314 -0.73 12.39 -12.59
N ASN A 315 -1.58 11.39 -12.39
CA ASN A 315 -2.68 11.62 -11.47
C ASN A 315 -2.33 11.87 -10.01
N ARG A 316 -1.25 11.26 -9.50
CA ARG A 316 -0.90 11.54 -8.10
C ARG A 316 -0.38 12.98 -8.08
N VAL A 317 0.47 13.38 -9.04
CA VAL A 317 0.94 14.77 -9.02
C VAL A 317 -0.25 15.73 -9.04
N ALA A 318 -1.20 15.47 -9.94
CA ALA A 318 -2.38 16.31 -10.08
C ALA A 318 -3.23 16.37 -8.82
N GLU A 319 -3.34 15.27 -8.09
CA GLU A 319 -4.15 15.33 -6.88
C GLU A 319 -3.45 16.05 -5.73
N LEU A 320 -2.11 16.06 -5.76
CA LEU A 320 -1.35 16.73 -4.71
C LEU A 320 -1.13 18.24 -4.90
N ILE A 321 -0.99 18.70 -6.14
CA ILE A 321 -0.77 20.11 -6.40
C ILE A 321 -1.60 21.06 -5.53
N PRO A 322 -2.93 20.89 -5.52
CA PRO A 322 -3.83 21.73 -4.73
C PRO A 322 -3.51 21.88 -3.25
N GLN A 323 -2.78 20.92 -2.67
CA GLN A 323 -2.46 21.02 -1.24
C GLN A 323 -1.01 21.39 -0.96
N CYS A 324 -0.19 21.47 -2.01
CA CYS A 324 1.22 21.81 -1.82
C CYS A 324 1.40 23.20 -1.25
N ASP A 325 2.38 23.34 -0.35
CA ASP A 325 2.68 24.63 0.26
C ASP A 325 3.94 25.16 -0.42
N VAL A 326 4.79 24.24 -0.85
CA VAL A 326 6.01 24.59 -1.55
C VAL A 326 6.20 23.60 -2.69
N ILE A 327 6.45 24.14 -3.87
CA ILE A 327 6.68 23.32 -5.04
C ILE A 327 8.02 23.73 -5.61
N LEU A 328 8.87 22.75 -5.82
CA LEU A 328 10.20 22.99 -6.35
C LEU A 328 10.31 22.39 -7.74
N VAL A 329 10.92 23.13 -8.66
CA VAL A 329 11.09 22.63 -10.00
C VAL A 329 12.34 23.22 -10.62
N ASN A 330 13.34 22.38 -10.83
CA ASN A 330 14.57 22.82 -11.44
C ASN A 330 14.38 22.80 -12.95
N ASN A 331 13.80 23.87 -13.47
CA ASN A 331 13.53 24.00 -14.90
C ASN A 331 14.68 24.69 -15.61
N PHE A 332 15.87 24.64 -15.03
CA PHE A 332 17.02 25.30 -15.62
C PHE A 332 17.24 24.91 -17.07
N LEU A 333 17.11 23.62 -17.38
CA LEU A 333 17.33 23.13 -18.74
C LEU A 333 16.06 22.72 -19.49
N PHE A 334 14.91 23.04 -18.91
CA PHE A 334 13.63 22.71 -19.53
C PHE A 334 13.39 23.54 -20.80
N ASP A 335 12.85 22.91 -21.84
CA ASP A 335 12.58 23.63 -23.07
C ASP A 335 11.21 24.28 -22.97
N GLU A 336 10.90 25.14 -23.93
CA GLU A 336 9.63 25.85 -24.00
C GLU A 336 8.42 24.93 -23.86
N ASP A 337 8.43 23.82 -24.58
CA ASP A 337 7.30 22.89 -24.53
C ASP A 337 7.06 22.39 -23.12
N LEU A 338 8.10 21.87 -22.48
CA LEU A 338 8.00 21.35 -21.13
C LEU A 338 7.53 22.42 -20.16
N ASN A 339 8.08 23.62 -20.27
CA ASN A 339 7.67 24.70 -19.38
C ASN A 339 6.19 24.96 -19.51
N LYS A 340 5.66 24.79 -20.73
CA LYS A 340 4.25 25.00 -20.97
C LYS A 340 3.48 23.94 -20.17
N LYS A 341 4.00 22.71 -20.18
CA LYS A 341 3.36 21.61 -19.45
C LYS A 341 3.41 21.87 -17.95
N VAL A 342 4.53 22.40 -17.47
CA VAL A 342 4.67 22.72 -16.05
C VAL A 342 3.60 23.78 -15.73
N GLU A 343 3.48 24.76 -16.60
CA GLU A 343 2.50 25.84 -16.43
C GLU A 343 1.11 25.25 -16.22
N LYS A 344 0.75 24.28 -17.06
CA LYS A 344 -0.55 23.64 -16.97
C LYS A 344 -0.70 22.94 -15.62
N ILE A 345 0.34 22.20 -15.21
CA ILE A 345 0.31 21.49 -13.94
C ILE A 345 0.09 22.41 -12.75
N LEU A 346 0.68 23.60 -12.79
CA LEU A 346 0.55 24.56 -11.68
C LEU A 346 -0.77 25.30 -11.58
N GLN A 347 -1.63 25.17 -12.58
CA GLN A 347 -2.92 25.88 -12.57
C GLN A 347 -3.79 25.69 -11.32
N THR A 348 -3.70 24.55 -10.65
CA THR A 348 -4.54 24.33 -9.46
C THR A 348 -3.90 24.62 -8.10
N ALA A 349 -2.71 25.21 -8.10
CA ALA A 349 -2.05 25.53 -6.83
C ALA A 349 -2.93 26.44 -5.98
N LYS A 350 -2.82 26.31 -4.66
CA LYS A 350 -3.62 27.12 -3.73
C LYS A 350 -2.98 28.46 -3.38
N VAL A 351 -3.80 29.39 -2.89
CA VAL A 351 -3.30 30.70 -2.49
C VAL A 351 -2.27 30.50 -1.38
N GLY A 352 -1.14 31.18 -1.50
CA GLY A 352 -0.10 31.04 -0.50
C GLY A 352 1.02 30.08 -0.90
N CYS A 353 0.71 29.18 -1.83
CA CYS A 353 1.71 28.22 -2.29
C CYS A 353 2.90 28.96 -2.88
N LYS A 354 4.10 28.50 -2.55
CA LYS A 354 5.31 29.12 -3.07
C LYS A 354 5.98 28.15 -4.01
N ILE A 355 6.34 28.64 -5.19
CA ILE A 355 7.00 27.83 -6.20
C ILE A 355 8.41 28.31 -6.41
N ILE A 356 9.37 27.40 -6.26
CA ILE A 356 10.78 27.69 -6.42
C ILE A 356 11.24 27.17 -7.78
N SER A 357 11.90 28.02 -8.56
CA SER A 357 12.40 27.61 -9.87
C SER A 357 13.71 28.31 -10.18
N LEU A 358 14.44 27.83 -11.19
CA LEU A 358 15.71 28.44 -11.56
C LEU A 358 15.55 29.42 -12.71
N LYS A 359 14.43 29.29 -13.42
CA LYS A 359 14.10 30.18 -14.53
C LYS A 359 12.69 30.61 -14.20
N SER A 360 12.35 31.87 -14.46
CA SER A 360 11.02 32.34 -14.17
C SER A 360 9.98 31.47 -14.84
N LEU A 361 8.85 31.30 -14.19
CA LEU A 361 7.75 30.50 -14.75
C LEU A 361 7.03 31.34 -15.82
N ARG A 362 6.81 32.62 -15.51
CA ARG A 362 6.13 33.57 -16.38
C ARG A 362 7.07 34.30 -17.32
N SER A 363 6.75 34.36 -18.61
CA SER A 363 7.61 35.09 -19.55
C SER A 363 7.86 36.47 -18.93
N LEU A 364 9.07 37.01 -19.09
CA LEU A 364 9.38 38.31 -18.50
C LEU A 364 8.49 39.42 -19.07
N THR A 365 7.89 39.15 -20.23
CA THR A 365 7.01 40.10 -20.88
C THR A 365 5.55 39.62 -20.85
N TYR A 366 5.21 38.85 -19.82
CA TYR A 366 3.84 38.34 -19.71
C TYR A 366 2.86 39.46 -19.39
N GLN A 367 2.00 39.78 -20.35
CA GLN A 367 1.00 40.82 -20.15
C GLN A 367 -0.38 40.21 -20.27
N ILE A 368 -1.25 40.50 -19.31
CA ILE A 368 -2.60 39.95 -19.37
C ILE A 368 -3.28 40.42 -20.63
N ASN A 369 -3.95 39.51 -21.32
CA ASN A 369 -4.67 39.86 -22.53
C ASN A 369 -6.05 39.20 -22.47
N PHE A 370 -6.48 38.57 -23.54
CA PHE A 370 -7.80 37.94 -23.51
C PHE A 370 -7.76 36.42 -23.58
N TYR A 371 -6.60 35.85 -23.90
CA TYR A 371 -6.46 34.41 -24.01
C TYR A 371 -5.86 33.76 -22.76
N ASN A 372 -5.52 34.58 -21.77
CA ASN A 372 -4.92 34.10 -20.53
C ASN A 372 -5.57 34.68 -19.29
N VAL A 373 -6.83 35.09 -19.40
CA VAL A 373 -7.53 35.68 -18.28
C VAL A 373 -7.72 34.82 -17.03
N GLU A 374 -7.71 33.50 -17.18
CA GLU A 374 -7.90 32.60 -16.04
C GLU A 374 -6.64 31.91 -15.49
N ASN A 375 -5.55 32.07 -16.24
CA ASN A 375 -4.25 31.49 -15.88
C ASN A 375 -3.78 31.89 -14.47
N ILE A 376 -3.29 30.94 -13.69
CA ILE A 376 -2.83 31.24 -12.33
C ILE A 376 -1.66 32.23 -12.39
N PHE A 377 -0.96 32.24 -13.52
CA PHE A 377 0.19 33.14 -13.68
C PHE A 377 -0.21 34.59 -13.46
N ASN A 378 -1.49 34.90 -13.63
CA ASN A 378 -1.97 36.26 -13.46
C ASN A 378 -1.92 36.73 -12.02
N ARG A 379 -1.96 35.81 -11.08
CA ARG A 379 -1.95 36.23 -9.66
C ARG A 379 -0.80 35.73 -8.84
N LEU A 380 0.31 35.65 -9.52
CA LEU A 380 1.50 35.06 -8.96
C LEU A 380 2.52 36.21 -8.71
N LYS A 381 3.01 36.35 -7.48
CA LYS A 381 4.02 37.38 -7.17
C LYS A 381 5.39 36.76 -7.43
N VAL A 382 6.16 37.34 -8.34
CA VAL A 382 7.46 36.80 -8.69
C VAL A 382 8.62 37.60 -8.10
N GLN A 383 9.51 36.93 -7.39
CA GLN A 383 10.68 37.57 -6.79
C GLN A 383 11.96 36.87 -7.25
N ARG A 384 12.88 37.65 -7.81
CA ARG A 384 14.14 37.12 -8.29
C ARG A 384 15.22 37.25 -7.22
N TYR A 385 16.17 36.32 -7.21
CA TYR A 385 17.26 36.35 -6.24
C TYR A 385 18.53 35.88 -6.94
N ASP A 386 19.68 36.35 -6.45
CA ASP A 386 20.94 35.94 -7.02
C ASP A 386 21.35 34.60 -6.40
N LEU A 387 21.94 33.72 -7.19
CA LEU A 387 22.38 32.44 -6.66
C LEU A 387 23.69 32.68 -5.92
N LYS A 388 23.79 32.16 -4.70
CA LYS A 388 25.03 32.32 -3.94
C LYS A 388 26.04 31.33 -4.52
N GLU A 389 27.30 31.48 -4.13
CA GLU A 389 28.34 30.59 -4.62
C GLU A 389 28.04 29.12 -4.29
N ASP A 390 28.28 28.26 -5.28
CA ASP A 390 28.04 26.82 -5.11
C ASP A 390 26.65 26.45 -4.60
N SER A 391 25.61 26.96 -5.26
CA SER A 391 24.24 26.66 -4.88
C SER A 391 23.73 25.48 -5.71
N VAL A 392 24.25 25.35 -6.92
CA VAL A 392 23.86 24.28 -7.83
C VAL A 392 25.11 23.58 -8.37
N SER A 393 24.95 22.34 -8.85
CA SER A 393 26.06 21.55 -9.33
C SER A 393 26.67 21.92 -10.69
N TRP A 394 25.90 22.63 -11.53
CA TRP A 394 26.39 22.99 -12.86
C TRP A 394 27.22 24.26 -12.97
N THR A 395 27.36 24.98 -11.86
CA THR A 395 28.16 26.20 -11.89
C THR A 395 28.64 26.58 -10.52
N HIS A 396 29.82 27.19 -10.48
CA HIS A 396 30.44 27.64 -9.24
C HIS A 396 29.80 28.93 -8.71
N SER A 397 29.65 29.92 -9.58
CA SER A 397 29.06 31.19 -9.20
C SER A 397 28.12 31.72 -10.26
N GLY A 398 27.44 32.82 -9.94
CA GLY A 398 26.53 33.43 -10.87
C GLY A 398 25.16 32.76 -10.89
N GLY A 399 24.29 33.25 -11.77
CA GLY A 399 22.97 32.68 -11.87
C GLY A 399 21.97 33.32 -10.92
N GLU A 400 20.72 32.86 -11.01
CA GLU A 400 19.65 33.38 -10.18
C GLU A 400 18.58 32.30 -10.02
N TYR A 401 17.60 32.58 -9.16
CA TYR A 401 16.51 31.66 -8.93
C TYR A 401 15.29 32.48 -8.57
N TYR A 402 14.12 31.88 -8.66
CA TYR A 402 12.89 32.60 -8.38
C TYR A 402 11.99 31.94 -7.37
N ILE A 403 11.21 32.76 -6.68
CA ILE A 403 10.22 32.28 -5.74
C ILE A 403 8.95 33.01 -6.15
N SER A 404 8.00 32.25 -6.66
CA SER A 404 6.72 32.79 -7.10
C SER A 404 5.65 32.39 -6.11
N THR A 405 4.94 33.38 -5.56
CA THR A 405 3.91 33.11 -4.59
C THR A 405 2.52 33.26 -5.21
N VAL A 406 1.63 32.31 -4.95
CA VAL A 406 0.28 32.38 -5.48
C VAL A 406 -0.55 33.33 -4.62
N MET A 407 -0.95 34.45 -5.21
CA MET A 407 -1.74 35.47 -4.51
C MET A 407 -3.24 35.29 -4.75
N GLU A 408 -4.04 35.82 -3.82
CA GLU A 408 -5.49 35.71 -3.92
C GLU A 408 -6.09 36.48 -5.09
N ASP A 409 -5.67 37.73 -5.27
CA ASP A 409 -6.19 38.56 -6.35
C ASP A 409 -5.17 38.74 -7.47
N VAL A 410 -5.60 39.38 -8.55
CA VAL A 410 -4.74 39.62 -9.71
C VAL A 410 -3.77 40.79 -9.50
N ASP A 411 -2.67 40.76 -10.24
CA ASP A 411 -1.67 41.82 -10.15
C ASP A 411 -1.94 42.87 -11.25
N GLU A 412 -2.50 44.01 -10.85
CA GLU A 412 -2.82 45.10 -11.77
C GLU A 412 -1.64 45.43 -12.69
N SER A 413 -0.45 45.29 -12.14
CA SER A 413 0.78 45.57 -12.87
C SER A 413 0.85 44.82 -14.20
N LEU A 414 0.05 43.77 -14.35
CA LEU A 414 0.07 42.99 -15.57
C LEU A 414 -0.88 43.45 -16.68
N PHE A 415 -1.88 44.27 -16.33
CA PHE A 415 -2.81 44.78 -17.33
C PHE A 415 -2.06 45.81 -18.18
N SER A 416 -2.47 45.95 -19.44
CA SER A 416 -1.86 46.94 -20.31
C SER A 416 -2.41 48.30 -19.87
N PRO A 417 -1.71 49.39 -20.18
CA PRO A 417 -2.17 50.74 -19.79
C PRO A 417 -3.66 51.00 -20.04
N ALA A 418 -4.14 50.64 -21.23
CA ALA A 418 -5.55 50.86 -21.59
C ALA A 418 -6.52 50.08 -20.70
N ARG A 425 31.02 17.94 -4.10
CA ARG A 425 29.96 18.14 -3.08
C ARG A 425 30.60 18.34 -1.71
N VAL A 429 36.26 19.51 3.01
CA VAL A 429 36.73 20.82 3.46
C VAL A 429 36.65 20.94 4.99
N LYS A 430 37.65 21.60 5.58
CA LYS A 430 37.69 21.80 7.03
C LYS A 430 37.42 23.26 7.37
N TYR A 431 37.17 23.55 8.64
CA TYR A 431 36.86 24.92 9.06
C TYR A 431 37.81 25.46 10.11
N THR A 432 37.58 26.71 10.50
CA THR A 432 38.38 27.39 11.50
C THR A 432 37.44 27.98 12.55
N SER B 28 -18.12 -35.27 31.83
CA SER B 28 -17.17 -34.14 31.54
C SER B 28 -17.15 -33.79 30.05
N THR B 29 -16.98 -32.50 29.77
CA THR B 29 -16.92 -31.98 28.40
C THR B 29 -15.74 -31.04 28.27
N PHE B 30 -15.20 -30.91 27.06
CA PHE B 30 -14.06 -30.03 26.81
C PHE B 30 -14.49 -28.55 26.79
N VAL B 31 -15.77 -28.31 26.53
CA VAL B 31 -16.29 -26.95 26.49
C VAL B 31 -17.48 -26.83 27.42
N ASP B 32 -17.67 -25.65 27.98
CA ASP B 32 -18.81 -25.45 28.87
C ASP B 32 -20.02 -25.25 28.00
N TRP B 33 -20.85 -26.29 27.87
CA TRP B 33 -22.06 -26.17 27.05
C TRP B 33 -23.09 -25.31 27.77
N ASN B 34 -22.74 -24.84 28.96
CA ASN B 34 -23.62 -24.00 29.76
C ASN B 34 -23.06 -22.59 29.94
N GLY B 35 -22.01 -22.29 29.18
CA GLY B 35 -21.39 -20.99 29.28
C GLY B 35 -22.19 -19.85 28.68
N PRO B 36 -21.72 -18.60 28.87
CA PRO B 36 -22.40 -17.41 28.34
C PRO B 36 -22.29 -17.41 26.82
N CYS B 37 -23.24 -16.75 26.15
CA CYS B 37 -23.22 -16.68 24.71
C CYS B 37 -23.11 -15.25 24.23
N LEU B 38 -22.36 -15.07 23.15
CA LEU B 38 -22.15 -13.76 22.55
C LEU B 38 -23.13 -13.62 21.40
N ARG B 39 -23.84 -12.49 21.34
CA ARG B 39 -24.78 -12.27 20.25
C ARG B 39 -24.07 -11.66 19.06
N LEU B 40 -24.13 -12.34 17.92
CA LEU B 40 -23.49 -11.85 16.70
C LEU B 40 -24.27 -10.65 16.18
N GLN B 41 -23.60 -9.50 16.07
CA GLN B 41 -24.29 -8.32 15.57
C GLN B 41 -23.64 -7.81 14.29
N TYR B 42 -22.94 -8.71 13.62
CA TYR B 42 -22.28 -8.40 12.36
C TYR B 42 -22.05 -9.75 11.64
N PRO B 43 -21.76 -9.72 10.33
CA PRO B 43 -21.54 -10.93 9.54
C PRO B 43 -20.27 -11.69 9.91
N LEU B 44 -20.31 -12.55 10.92
CA LEU B 44 -19.12 -13.31 11.30
C LEU B 44 -18.70 -14.33 10.24
N PHE B 45 -19.64 -15.11 9.68
CA PHE B 45 -19.25 -16.10 8.66
C PHE B 45 -19.43 -15.60 7.22
N ASP B 46 -18.37 -15.72 6.43
CA ASP B 46 -18.41 -15.25 5.05
C ASP B 46 -19.04 -16.32 4.15
N ILE B 47 -20.35 -16.24 4.05
CA ILE B 47 -21.13 -17.18 3.27
C ILE B 47 -20.78 -17.24 1.79
N GLU B 48 -20.59 -16.07 1.15
CA GLU B 48 -20.23 -16.05 -0.26
C GLU B 48 -18.91 -16.73 -0.48
N TYR B 49 -17.96 -16.47 0.41
CA TYR B 49 -16.66 -17.08 0.26
C TYR B 49 -16.79 -18.61 0.33
N LEU B 50 -17.49 -19.11 1.34
CA LEU B 50 -17.65 -20.56 1.50
C LEU B 50 -18.35 -21.20 0.31
N ARG B 51 -19.39 -20.56 -0.22
CA ARG B 51 -20.11 -21.13 -1.35
C ARG B 51 -19.31 -21.13 -2.65
N SER B 52 -18.27 -20.32 -2.69
CA SER B 52 -17.45 -20.24 -3.88
C SER B 52 -16.12 -20.97 -3.75
N HIS B 53 -15.80 -21.40 -2.53
CA HIS B 53 -14.53 -22.10 -2.30
C HIS B 53 -14.73 -23.42 -1.57
N GLU B 54 -14.51 -24.53 -2.28
CA GLU B 54 -14.67 -25.85 -1.69
C GLU B 54 -13.31 -26.40 -1.25
N ILE B 55 -12.24 -25.89 -1.84
CA ILE B 55 -10.89 -26.31 -1.52
C ILE B 55 -10.18 -25.25 -0.68
N TYR B 56 -9.47 -25.68 0.37
CA TYR B 56 -8.73 -24.76 1.23
C TYR B 56 -7.24 -24.86 0.86
N SER B 57 -6.61 -23.73 0.56
CA SER B 57 -5.20 -23.74 0.17
C SER B 57 -4.17 -23.06 1.08
N GLY B 58 -4.61 -22.51 2.21
CA GLY B 58 -3.68 -21.84 3.10
C GLY B 58 -2.54 -22.70 3.65
N THR B 59 -1.66 -22.08 4.44
CA THR B 59 -0.53 -22.79 5.03
C THR B 59 -0.42 -22.57 6.54
N PRO B 60 -1.50 -22.86 7.29
CA PRO B 60 -1.53 -22.69 8.76
C PRO B 60 -0.44 -23.54 9.40
N ILE B 61 0.11 -23.08 10.52
CA ILE B 61 1.15 -23.85 11.20
C ILE B 61 0.50 -25.11 11.78
N GLN B 62 0.93 -26.28 11.32
CA GLN B 62 0.40 -27.54 11.79
C GLN B 62 0.77 -27.83 13.24
N SER B 63 -0.22 -28.21 14.04
CA SER B 63 0.00 -28.51 15.45
C SER B 63 1.15 -29.49 15.71
N ILE B 64 1.31 -30.47 14.83
CA ILE B 64 2.37 -31.47 14.99
C ILE B 64 3.75 -30.84 14.86
N SER B 65 3.83 -29.76 14.10
CA SER B 65 5.10 -29.07 13.88
C SER B 65 5.64 -28.38 15.13
N LEU B 66 4.76 -28.08 16.08
CA LEU B 66 5.22 -27.41 17.30
C LEU B 66 6.31 -28.22 17.97
N ARG B 67 7.50 -27.62 18.08
CA ARG B 67 8.65 -28.28 18.70
C ARG B 67 8.27 -28.71 20.12
N THR B 68 7.39 -27.92 20.75
CA THR B 68 6.92 -28.20 22.10
C THR B 68 8.01 -28.80 22.99
N THR B 86 1.52 -42.12 19.38
CA THR B 86 1.13 -41.98 17.98
C THR B 86 0.55 -40.61 17.65
N THR B 87 0.07 -40.47 16.41
CA THR B 87 -0.50 -39.21 15.93
C THR B 87 -1.90 -39.43 15.38
N ALA B 88 -2.67 -38.33 15.30
CA ALA B 88 -4.03 -38.38 14.79
C ALA B 88 -4.28 -37.19 13.87
N LYS B 89 -5.19 -37.35 12.92
CA LYS B 89 -5.53 -36.29 11.98
C LYS B 89 -6.95 -35.84 12.24
N LEU B 90 -7.20 -34.54 12.13
CA LEU B 90 -8.55 -34.01 12.34
C LEU B 90 -9.05 -33.38 11.04
N GLN B 91 -10.18 -33.88 10.54
CA GLN B 91 -10.78 -33.40 9.31
C GLN B 91 -11.45 -32.04 9.45
N SER B 92 -11.23 -31.15 8.48
CA SER B 92 -11.87 -29.84 8.55
C SER B 92 -13.34 -30.03 8.22
N ILE B 93 -14.21 -29.40 9.00
CA ILE B 93 -15.63 -29.53 8.77
C ILE B 93 -16.13 -28.75 7.54
N LEU B 94 -15.33 -27.79 7.07
CA LEU B 94 -15.76 -26.99 5.91
C LEU B 94 -15.02 -27.27 4.62
N PHE B 95 -13.77 -27.76 4.74
CA PHE B 95 -12.95 -28.06 3.58
C PHE B 95 -12.52 -29.52 3.57
N SER B 96 -13.10 -30.28 2.65
CA SER B 96 -12.83 -31.72 2.54
C SER B 96 -11.37 -32.07 2.30
N ASN B 97 -10.60 -31.18 1.69
CA ASN B 97 -9.20 -31.47 1.42
C ASN B 97 -8.26 -31.17 2.59
N TYR B 98 -8.76 -30.59 3.68
CA TYR B 98 -7.89 -30.25 4.80
C TYR B 98 -7.98 -31.13 6.04
N MET B 99 -6.82 -31.55 6.54
CA MET B 99 -6.74 -32.35 7.75
C MET B 99 -5.50 -31.87 8.50
N GLU B 100 -5.58 -31.76 9.81
CA GLU B 100 -4.44 -31.30 10.57
C GLU B 100 -3.95 -32.42 11.46
N GLU B 101 -2.65 -32.69 11.43
CA GLU B 101 -2.08 -33.77 12.22
C GLU B 101 -1.70 -33.33 13.63
N TYR B 102 -2.18 -34.08 14.61
CA TYR B 102 -1.94 -33.81 16.02
C TYR B 102 -1.16 -34.92 16.70
N LYS B 103 -0.40 -34.55 17.73
CA LYS B 103 0.37 -35.51 18.50
C LYS B 103 -0.54 -35.97 19.64
N VAL B 104 -0.61 -37.27 19.87
CA VAL B 104 -1.43 -37.79 20.96
C VAL B 104 -0.53 -38.52 21.95
N ASP B 105 -0.30 -37.90 23.09
CA ASP B 105 0.57 -38.46 24.13
C ASP B 105 0.02 -38.11 25.52
N PHE B 106 -0.79 -39.00 26.09
CA PHE B 106 -1.37 -38.76 27.40
C PHE B 106 -0.34 -38.92 28.52
N LYS B 107 0.82 -39.48 28.19
CA LYS B 107 1.88 -39.69 29.17
C LYS B 107 2.46 -38.40 29.74
N ARG B 108 3.23 -37.71 28.91
CA ARG B 108 3.94 -36.49 29.27
C ARG B 108 3.25 -35.35 30.04
N SER B 109 4.10 -34.49 30.59
CA SER B 109 3.74 -33.33 31.39
C SER B 109 2.50 -32.55 30.97
N THR B 110 2.66 -31.69 29.97
CA THR B 110 1.57 -30.86 29.47
C THR B 110 1.23 -29.72 30.46
N ALA B 111 1.46 -28.51 29.98
CA ALA B 111 1.23 -27.27 30.71
C ALA B 111 1.86 -26.31 29.71
N ILE B 112 2.49 -26.93 28.73
CA ILE B 112 3.16 -26.27 27.63
C ILE B 112 2.11 -26.07 26.53
N TYR B 113 1.47 -27.18 26.15
CA TYR B 113 0.44 -27.21 25.11
C TYR B 113 -0.17 -28.61 25.07
N ASN B 114 -1.50 -28.69 25.12
CA ASN B 114 -2.20 -29.97 25.08
C ASN B 114 -2.98 -30.14 23.77
N PRO B 115 -2.45 -30.95 22.85
CA PRO B 115 -3.08 -31.21 21.54
C PRO B 115 -4.47 -31.88 21.66
N MET B 116 -4.58 -32.88 22.55
CA MET B 116 -5.84 -33.59 22.72
C MET B 116 -6.94 -32.66 23.19
N SER B 117 -6.58 -31.72 24.06
CA SER B 117 -7.54 -30.76 24.58
C SER B 117 -8.06 -29.88 23.44
N GLU B 118 -7.15 -29.49 22.54
CA GLU B 118 -7.53 -28.68 21.40
C GLU B 118 -8.49 -29.48 20.53
N ILE B 119 -8.08 -30.71 20.19
CA ILE B 119 -8.90 -31.59 19.36
C ILE B 119 -10.27 -31.69 19.98
N GLY B 120 -10.29 -31.91 21.29
CA GLY B 120 -11.54 -32.05 22.02
C GLY B 120 -12.45 -30.84 21.91
N LYS B 121 -11.90 -29.65 22.10
CA LYS B 121 -12.70 -28.44 22.02
C LYS B 121 -13.22 -28.25 20.60
N LEU B 122 -12.34 -28.45 19.63
CA LEU B 122 -12.72 -28.29 18.22
C LEU B 122 -13.89 -29.22 17.85
N ILE B 123 -13.77 -30.50 18.22
CA ILE B 123 -14.83 -31.45 17.93
C ILE B 123 -16.14 -31.04 18.61
N GLU B 124 -16.06 -30.56 19.84
CA GLU B 124 -17.27 -30.14 20.51
C GLU B 124 -17.89 -28.88 19.88
N TYR B 125 -17.05 -27.97 19.38
CA TYR B 125 -17.63 -26.77 18.75
C TYR B 125 -18.34 -27.14 17.46
N SER B 126 -17.91 -28.22 16.83
CA SER B 126 -18.59 -28.66 15.62
C SER B 126 -20.06 -28.94 15.93
N CYS B 127 -20.33 -29.61 17.05
CA CYS B 127 -21.71 -29.93 17.43
C CYS B 127 -22.42 -28.74 18.03
N LEU B 128 -21.69 -27.99 18.83
CA LEU B 128 -22.23 -26.83 19.52
C LEU B 128 -22.51 -25.63 18.61
N VAL B 129 -21.65 -25.40 17.63
CA VAL B 129 -21.81 -24.25 16.75
C VAL B 129 -22.08 -24.46 15.26
N PHE B 130 -21.13 -25.10 14.58
CA PHE B 130 -21.19 -25.35 13.14
C PHE B 130 -22.25 -26.24 12.47
N LEU B 131 -22.90 -27.15 13.20
CA LEU B 131 -23.86 -28.04 12.52
C LEU B 131 -25.35 -27.80 12.70
N PRO B 132 -26.15 -28.13 11.68
CA PRO B 132 -27.62 -27.97 11.69
C PRO B 132 -28.30 -29.10 12.47
N SER B 133 -29.51 -28.94 12.97
CA SER B 133 -30.06 -30.20 13.53
C SER B 133 -30.35 -30.95 12.11
N PRO B 134 -30.45 -32.30 12.04
CA PRO B 134 -30.23 -33.49 12.86
C PRO B 134 -28.90 -33.81 13.16
N TYR B 135 -27.94 -33.48 12.28
CA TYR B 135 -26.59 -33.92 12.54
C TYR B 135 -25.94 -33.54 13.82
N ALA B 136 -26.21 -32.32 14.29
CA ALA B 136 -25.58 -31.85 15.51
C ALA B 136 -25.82 -32.78 16.70
N GLU B 137 -27.08 -33.04 17.01
CA GLU B 137 -27.45 -33.92 18.13
C GLU B 137 -26.88 -35.32 17.89
N GLN B 138 -27.14 -35.85 16.71
CA GLN B 138 -26.67 -37.17 16.34
C GLN B 138 -25.18 -37.30 16.59
N LEU B 139 -24.40 -36.35 16.06
CA LEU B 139 -22.94 -36.38 16.23
C LEU B 139 -22.56 -36.24 17.70
N LYS B 140 -23.28 -35.43 18.46
CA LYS B 140 -22.96 -35.27 19.87
C LYS B 140 -23.07 -36.60 20.60
N GLU B 141 -24.25 -37.22 20.51
CA GLU B 141 -24.52 -38.51 21.16
C GLU B 141 -23.51 -39.60 20.81
N THR B 142 -23.10 -39.62 19.55
CA THR B 142 -22.18 -40.62 19.05
C THR B 142 -20.69 -40.46 19.34
N ILE B 143 -20.21 -39.24 19.50
CA ILE B 143 -18.78 -39.01 19.69
C ILE B 143 -18.33 -38.51 21.06
N LEU B 144 -19.01 -37.50 21.58
CA LEU B 144 -18.60 -36.91 22.83
C LEU B 144 -18.38 -37.84 24.01
N PRO B 145 -19.32 -38.76 24.28
CA PRO B 145 -19.15 -39.68 25.41
C PRO B 145 -17.80 -40.39 25.39
N ASP B 146 -17.54 -41.13 24.32
CA ASP B 146 -16.29 -41.86 24.17
C ASP B 146 -15.09 -40.92 24.16
N LEU B 147 -15.20 -39.84 23.40
CA LEU B 147 -14.12 -38.86 23.30
C LEU B 147 -13.69 -38.36 24.67
N ASN B 148 -14.65 -37.83 25.43
CA ASN B 148 -14.36 -37.32 26.76
C ASN B 148 -13.89 -38.44 27.69
N ALA B 149 -14.61 -39.57 27.65
CA ALA B 149 -14.26 -40.72 28.48
C ALA B 149 -12.83 -41.16 28.19
N SER B 150 -12.49 -41.30 26.91
CA SER B 150 -11.14 -41.71 26.54
C SER B 150 -10.11 -40.70 27.03
N PHE B 151 -10.42 -39.42 26.86
CA PHE B 151 -9.52 -38.37 27.28
C PHE B 151 -9.21 -38.51 28.78
N ASP B 152 -10.25 -38.60 29.59
CA ASP B 152 -10.08 -38.72 31.04
C ASP B 152 -9.30 -39.98 31.44
N ASN B 153 -9.59 -41.09 30.78
CA ASN B 153 -8.93 -42.35 31.07
C ASN B 153 -7.53 -42.43 30.48
N SER B 154 -7.11 -41.34 29.85
CA SER B 154 -5.76 -41.24 29.26
C SER B 154 -5.44 -42.39 28.36
N ASP B 155 -6.43 -42.79 27.62
CA ASP B 155 -6.28 -43.98 26.82
C ASP B 155 -6.15 -43.64 25.33
N THR B 156 -4.88 -43.60 24.88
CA THR B 156 -4.53 -43.25 23.51
C THR B 156 -5.37 -44.03 22.53
N LYS B 157 -5.35 -45.32 22.37
CA LYS B 157 -6.31 -46.02 21.46
C LYS B 157 -7.87 -45.56 21.30
N GLY B 158 -8.72 -45.42 22.34
CA GLY B 158 -10.14 -45.00 22.11
C GLY B 158 -10.31 -43.55 21.64
N PHE B 159 -9.39 -42.70 22.11
CA PHE B 159 -9.38 -41.29 21.74
C PHE B 159 -9.21 -41.17 20.23
N VAL B 160 -8.18 -41.79 19.68
CA VAL B 160 -7.97 -41.72 18.24
C VAL B 160 -9.12 -42.41 17.49
N ASN B 161 -9.82 -43.31 18.17
CA ASN B 161 -10.96 -44.02 17.58
C ASN B 161 -12.15 -43.09 17.47
N ALA B 162 -12.42 -42.34 18.54
CA ALA B 162 -13.53 -41.40 18.52
C ALA B 162 -13.25 -40.31 17.47
N ILE B 163 -11.98 -39.96 17.32
CA ILE B 163 -11.55 -38.96 16.34
C ILE B 163 -11.84 -39.44 14.92
N ASN B 164 -11.33 -40.61 14.57
CA ASN B 164 -11.55 -41.16 13.24
C ASN B 164 -13.02 -41.37 12.94
N LEU B 165 -13.80 -41.61 13.98
CA LEU B 165 -15.23 -41.83 13.80
C LEU B 165 -15.87 -40.47 13.50
N TYR B 166 -15.42 -39.45 14.22
CA TYR B 166 -15.91 -38.09 14.02
C TYR B 166 -15.61 -37.70 12.58
N ASN B 167 -14.35 -37.90 12.18
CA ASN B 167 -13.90 -37.59 10.83
C ASN B 167 -14.80 -38.19 9.75
N LYS B 168 -15.01 -39.51 9.81
CA LYS B 168 -15.82 -40.16 8.80
C LYS B 168 -17.25 -39.66 8.77
N MET B 169 -17.77 -39.32 9.94
CA MET B 169 -19.14 -38.81 9.99
C MET B 169 -19.26 -37.42 9.37
N ILE B 170 -18.30 -36.56 9.66
CA ILE B 170 -18.27 -35.19 9.16
C ILE B 170 -18.30 -35.14 7.64
N ARG B 171 -17.54 -36.02 7.00
CA ARG B 171 -17.51 -36.03 5.55
C ARG B 171 -18.85 -36.34 4.88
N GLU B 172 -19.76 -36.98 5.60
CA GLU B 172 -21.05 -37.34 5.01
C GLU B 172 -22.14 -36.30 5.22
N ILE B 173 -21.83 -35.23 5.94
CA ILE B 173 -22.82 -34.18 6.16
C ILE B 173 -22.80 -33.29 4.92
N PRO B 174 -23.95 -33.13 4.24
CA PRO B 174 -24.00 -32.29 3.03
C PRO B 174 -23.48 -30.89 3.34
N ARG B 175 -22.39 -30.50 2.67
CA ARG B 175 -21.77 -29.21 2.89
C ARG B 175 -22.77 -28.05 2.86
N GLN B 176 -23.68 -28.08 1.90
CA GLN B 176 -24.67 -27.02 1.78
C GLN B 176 -25.53 -26.84 3.04
N ARG B 177 -25.80 -27.93 3.74
CA ARG B 177 -26.60 -27.85 4.97
C ARG B 177 -25.75 -27.13 6.03
N ILE B 178 -24.46 -27.39 6.02
CA ILE B 178 -23.56 -26.75 6.98
C ILE B 178 -23.48 -25.24 6.74
N ILE B 179 -23.26 -24.85 5.48
CA ILE B 179 -23.17 -23.43 5.16
C ILE B 179 -24.49 -22.71 5.42
N ASP B 180 -25.62 -23.35 5.09
CA ASP B 180 -26.91 -22.72 5.33
C ASP B 180 -27.11 -22.47 6.82
N HIS B 181 -26.66 -23.41 7.63
CA HIS B 181 -26.79 -23.25 9.07
C HIS B 181 -25.92 -22.08 9.57
N LEU B 182 -24.67 -22.03 9.11
CA LEU B 182 -23.77 -20.97 9.51
C LEU B 182 -24.41 -19.63 9.18
N GLU B 183 -25.03 -19.57 8.01
CA GLU B 183 -25.70 -18.37 7.54
C GLU B 183 -26.78 -17.88 8.51
N THR B 184 -27.28 -18.77 9.37
CA THR B 184 -28.33 -18.38 10.32
C THR B 184 -27.85 -18.29 11.76
N ILE B 185 -26.58 -18.54 12.02
CA ILE B 185 -26.12 -18.47 13.40
C ILE B 185 -26.33 -17.06 13.94
N ASP B 186 -27.12 -16.91 14.99
CA ASP B 186 -27.28 -15.58 15.51
C ASP B 186 -26.52 -15.35 16.83
N LYS B 187 -26.10 -16.44 17.49
CA LYS B 187 -25.31 -16.38 18.74
C LYS B 187 -24.30 -17.54 18.79
N ILE B 188 -23.25 -17.44 19.61
CA ILE B 188 -22.23 -18.49 19.73
C ILE B 188 -21.64 -18.47 21.14
N PRO B 189 -21.07 -19.60 21.59
CA PRO B 189 -20.47 -19.67 22.93
C PRO B 189 -19.39 -18.59 23.05
N ARG B 190 -19.40 -17.88 24.16
CA ARG B 190 -18.38 -16.85 24.41
C ARG B 190 -16.98 -17.45 24.29
N SER B 191 -16.85 -18.71 24.69
CA SER B 191 -15.54 -19.38 24.66
C SER B 191 -15.02 -19.70 23.25
N PHE B 192 -15.88 -19.66 22.24
CA PHE B 192 -15.41 -20.01 20.90
C PHE B 192 -14.28 -19.09 20.42
N ILE B 193 -14.58 -17.79 20.35
CA ILE B 193 -13.57 -16.84 19.92
C ILE B 193 -12.31 -16.99 20.80
N HIS B 194 -12.51 -17.15 22.11
CA HIS B 194 -11.38 -17.30 23.01
C HIS B 194 -10.52 -18.51 22.62
N ASP B 195 -11.15 -19.66 22.44
CA ASP B 195 -10.41 -20.87 22.06
C ASP B 195 -9.83 -20.75 20.65
N PHE B 196 -10.57 -20.12 19.74
CA PHE B 196 -10.08 -19.96 18.37
C PHE B 196 -8.79 -19.13 18.41
N LEU B 197 -8.81 -18.04 19.18
CA LEU B 197 -7.65 -17.19 19.30
C LEU B 197 -6.52 -17.90 20.02
N HIS B 198 -6.86 -18.74 20.99
CA HIS B 198 -5.82 -19.45 21.71
C HIS B 198 -5.07 -20.39 20.76
N ILE B 199 -5.78 -20.98 19.82
CA ILE B 199 -5.14 -21.86 18.85
C ILE B 199 -4.10 -21.06 18.06
N VAL B 200 -4.50 -19.91 17.54
CA VAL B 200 -3.60 -19.05 16.78
C VAL B 200 -2.39 -18.69 17.65
N TYR B 201 -2.67 -18.36 18.90
CA TYR B 201 -1.65 -17.97 19.86
C TYR B 201 -0.65 -19.08 20.15
N THR B 202 -1.12 -20.31 20.33
CA THR B 202 -0.17 -21.41 20.62
C THR B 202 0.74 -21.64 19.41
N ARG B 203 0.25 -21.29 18.22
CA ARG B 203 1.05 -21.48 17.02
C ARG B 203 2.07 -20.42 16.67
N SER B 204 1.72 -19.17 16.93
CA SER B 204 2.57 -18.06 16.57
C SER B 204 3.28 -17.33 17.69
N ILE B 205 2.65 -17.24 18.86
CA ILE B 205 3.27 -16.55 19.97
C ILE B 205 4.04 -17.47 20.94
N HIS B 206 3.39 -18.52 21.43
CA HIS B 206 4.02 -19.45 22.36
C HIS B 206 5.44 -19.87 22.01
N PRO B 207 5.67 -20.35 20.78
CA PRO B 207 7.01 -20.78 20.40
C PRO B 207 8.11 -19.76 20.67
N GLN B 208 7.81 -18.47 20.55
CA GLN B 208 8.82 -17.44 20.79
C GLN B 208 8.51 -16.50 21.96
N ALA B 209 7.64 -16.93 22.87
CA ALA B 209 7.26 -16.10 24.00
C ALA B 209 8.41 -15.48 24.78
N ASN B 210 9.55 -16.19 24.82
CA ASN B 210 10.69 -15.70 25.58
C ASN B 210 11.31 -14.42 25.03
N LYS B 211 11.03 -14.14 23.77
CA LYS B 211 11.54 -12.93 23.13
C LYS B 211 10.83 -11.68 23.64
N LEU B 212 9.68 -11.88 24.30
CA LEU B 212 8.90 -10.78 24.84
C LEU B 212 9.39 -10.38 26.24
N LYS B 213 10.32 -11.17 26.77
CA LYS B 213 10.81 -10.96 28.12
C LYS B 213 12.32 -10.66 28.28
N HIS B 214 12.92 -9.91 27.37
CA HIS B 214 14.35 -9.57 27.49
C HIS B 214 14.50 -8.48 28.57
N TYR B 215 15.73 -8.24 29.03
CA TYR B 215 15.98 -7.21 30.04
C TYR B 215 15.28 -5.88 29.69
N LYS B 216 14.50 -5.35 30.64
CA LYS B 216 13.79 -4.10 30.46
C LYS B 216 14.37 -3.02 31.39
N ALA B 217 14.98 -2.00 30.80
CA ALA B 217 15.58 -0.94 31.58
C ALA B 217 14.48 -0.08 32.20
N PHE B 218 13.34 0.02 31.52
CA PHE B 218 12.21 0.80 32.01
C PHE B 218 10.92 -0.03 32.13
N SER B 219 10.19 0.19 33.22
CA SER B 219 8.96 -0.53 33.47
C SER B 219 7.96 -0.23 32.37
N ASN B 220 8.14 0.90 31.71
CA ASN B 220 7.24 1.30 30.62
C ASN B 220 7.10 0.21 29.54
N TYR B 221 8.17 -0.54 29.30
CA TYR B 221 8.14 -1.55 28.25
C TYR B 221 7.98 -2.99 28.71
N VAL B 222 7.65 -3.18 29.98
CA VAL B 222 7.46 -4.52 30.50
C VAL B 222 6.14 -5.06 29.94
N TYR B 223 6.22 -6.23 29.32
CA TYR B 223 5.05 -6.85 28.72
C TYR B 223 4.06 -7.45 29.71
N GLY B 224 2.79 -7.08 29.57
CA GLY B 224 1.75 -7.59 30.44
C GLY B 224 0.55 -7.85 29.54
N GLU B 225 -0.22 -8.90 29.83
CA GLU B 225 -1.36 -9.23 29.00
C GLU B 225 -2.71 -9.15 29.69
N LEU B 226 -3.69 -8.60 28.99
CA LEU B 226 -5.06 -8.55 29.49
C LEU B 226 -5.62 -9.84 28.87
N LEU B 227 -6.24 -10.68 29.69
CA LEU B 227 -6.77 -11.97 29.24
C LEU B 227 -8.13 -11.91 28.53
N PRO B 228 -8.42 -12.91 27.69
CA PRO B 228 -9.65 -13.02 26.91
C PRO B 228 -10.98 -12.75 27.63
N ASN B 229 -11.22 -13.41 28.76
CA ASN B 229 -12.47 -13.18 29.47
C ASN B 229 -12.59 -11.76 29.99
N PHE B 230 -11.48 -11.18 30.43
CA PHE B 230 -11.52 -9.79 30.91
C PHE B 230 -11.86 -8.89 29.73
N LEU B 231 -11.19 -9.11 28.60
CA LEU B 231 -11.46 -8.31 27.41
C LEU B 231 -12.94 -8.41 27.01
N SER B 232 -13.48 -9.61 27.02
CA SER B 232 -14.90 -9.79 26.66
C SER B 232 -15.80 -8.98 27.60
N ASP B 233 -15.50 -9.01 28.90
CA ASP B 233 -16.32 -8.26 29.85
C ASP B 233 -16.23 -6.75 29.58
N VAL B 234 -15.01 -6.24 29.49
CA VAL B 234 -14.84 -4.83 29.26
C VAL B 234 -15.35 -4.33 27.93
N TYR B 235 -15.23 -5.14 26.87
CA TYR B 235 -15.75 -4.67 25.56
C TYR B 235 -17.28 -4.53 25.66
N GLN B 236 -17.90 -5.47 26.36
CA GLN B 236 -19.34 -5.39 26.53
C GLN B 236 -19.72 -4.19 27.39
N GLN B 237 -19.01 -3.98 28.51
CA GLN B 237 -19.32 -2.83 29.37
C GLN B 237 -19.27 -1.52 28.60
N CYS B 238 -18.43 -1.46 27.56
CA CYS B 238 -18.28 -0.26 26.76
C CYS B 238 -19.16 -0.27 25.52
N GLN B 239 -19.94 -1.34 25.34
CA GLN B 239 -20.81 -1.45 24.17
C GLN B 239 -20.02 -1.38 22.86
N LEU B 240 -18.82 -1.96 22.85
CA LEU B 240 -18.02 -1.98 21.62
C LEU B 240 -18.97 -2.68 20.62
N LYS B 241 -19.23 -2.05 19.48
CA LYS B 241 -20.17 -2.64 18.53
C LYS B 241 -19.74 -2.51 17.07
N LYS B 242 -20.54 -3.09 16.19
CA LYS B 242 -20.27 -3.04 14.76
C LYS B 242 -20.11 -1.60 14.32
N GLY B 243 -19.13 -1.36 13.45
CA GLY B 243 -18.92 -0.01 12.96
C GLY B 243 -18.10 0.93 13.84
N ASP B 244 -17.76 0.50 15.05
CA ASP B 244 -16.97 1.33 15.95
C ASP B 244 -15.49 1.29 15.58
N THR B 245 -14.72 2.18 16.19
CA THR B 245 -13.29 2.19 15.98
C THR B 245 -12.72 1.87 17.35
N PHE B 246 -11.81 0.90 17.39
CA PHE B 246 -11.18 0.49 18.64
C PHE B 246 -9.68 0.71 18.54
N MET B 247 -9.09 1.24 19.60
CA MET B 247 -7.66 1.49 19.62
C MET B 247 -7.03 0.95 20.90
N ASP B 248 -5.86 0.33 20.75
CA ASP B 248 -5.13 -0.18 21.91
C ASP B 248 -3.75 0.47 21.89
N LEU B 249 -3.49 1.37 22.85
CA LEU B 249 -2.22 2.08 22.95
C LEU B 249 -1.24 1.16 23.69
N GLY B 250 -0.27 0.63 22.96
CA GLY B 250 0.67 -0.31 23.56
C GLY B 250 0.00 -1.68 23.39
N SER B 251 -0.16 -2.10 22.13
CA SER B 251 -0.84 -3.35 21.79
C SER B 251 -0.12 -4.69 22.02
N GLY B 252 1.13 -4.67 22.46
CA GLY B 252 1.83 -5.92 22.69
C GLY B 252 1.94 -6.75 21.42
N VAL B 253 1.34 -7.94 21.40
CA VAL B 253 1.35 -8.79 20.22
C VAL B 253 0.01 -8.77 19.51
N GLY B 254 -0.83 -7.81 19.87
CA GLY B 254 -2.13 -7.65 19.23
C GLY B 254 -3.33 -8.41 19.74
N ASN B 255 -3.21 -9.14 20.86
CA ASN B 255 -4.36 -9.92 21.37
C ASN B 255 -5.64 -9.14 21.53
N CYS B 256 -5.55 -7.95 22.12
CA CYS B 256 -6.71 -7.13 22.38
C CYS B 256 -7.31 -6.61 21.10
N VAL B 257 -6.46 -6.27 20.14
CA VAL B 257 -6.93 -5.78 18.86
C VAL B 257 -7.69 -6.86 18.06
N VAL B 258 -7.08 -8.03 17.89
CA VAL B 258 -7.77 -9.05 17.12
C VAL B 258 -9.06 -9.53 17.81
N GLN B 259 -9.10 -9.54 19.15
CA GLN B 259 -10.32 -10.00 19.82
C GLN B 259 -11.43 -8.97 19.61
N ALA B 260 -11.07 -7.70 19.62
CA ALA B 260 -12.06 -6.65 19.42
C ALA B 260 -12.68 -6.78 18.04
N ALA B 261 -11.84 -7.04 17.04
CA ALA B 261 -12.34 -7.19 15.67
C ALA B 261 -13.28 -8.40 15.52
N LEU B 262 -12.83 -9.56 16.01
CA LEU B 262 -13.61 -10.79 15.92
C LEU B 262 -14.89 -10.82 16.75
N GLU B 263 -14.86 -10.33 17.98
CA GLU B 263 -16.05 -10.42 18.72
C GLU B 263 -17.02 -9.23 18.60
N CYS B 264 -16.57 -8.07 18.14
CA CYS B 264 -17.51 -6.93 17.96
C CYS B 264 -17.70 -6.42 16.51
N GLY B 265 -16.87 -6.88 15.58
CA GLY B 265 -16.99 -6.44 14.20
C GLY B 265 -16.78 -4.95 14.02
N CYS B 266 -15.76 -4.41 14.68
CA CYS B 266 -15.43 -2.99 14.58
C CYS B 266 -15.07 -2.62 13.15
N ALA B 267 -15.37 -1.38 12.76
CA ALA B 267 -15.02 -0.93 11.41
C ALA B 267 -13.51 -0.89 11.32
N LEU B 268 -12.86 -0.64 12.47
CA LEU B 268 -11.41 -0.60 12.53
C LEU B 268 -10.91 -0.95 13.93
N SER B 269 -9.98 -1.90 14.01
CA SER B 269 -9.38 -2.29 15.28
C SER B 269 -7.93 -1.94 15.05
N PHE B 270 -7.43 -1.02 15.86
CA PHE B 270 -6.07 -0.51 15.69
C PHE B 270 -5.20 -0.66 16.93
N GLY B 271 -3.93 -0.94 16.71
CA GLY B 271 -3.00 -1.05 17.82
C GLY B 271 -1.66 -0.44 17.48
N CYS B 272 -0.99 0.14 18.47
CA CYS B 272 0.34 0.70 18.28
C CYS B 272 1.25 0.07 19.33
N GLU B 273 2.39 -0.46 18.91
CA GLU B 273 3.35 -1.08 19.81
C GLU B 273 4.74 -0.68 19.37
N ILE B 274 5.59 -0.37 20.35
CA ILE B 274 6.93 0.07 20.05
C ILE B 274 8.02 -1.00 20.06
N MET B 275 7.89 -2.02 20.91
CA MET B 275 8.93 -3.07 21.01
C MET B 275 9.08 -3.88 19.73
N ASP B 276 10.33 -4.13 19.36
CA ASP B 276 10.63 -4.88 18.14
C ASP B 276 10.16 -6.33 18.15
N ASP B 277 10.44 -7.06 19.23
CA ASP B 277 10.01 -8.47 19.28
C ASP B 277 8.50 -8.58 19.31
N ALA B 278 7.87 -7.79 20.17
CA ALA B 278 6.42 -7.80 20.26
C ALA B 278 5.82 -7.48 18.88
N SER B 279 6.47 -6.58 18.14
CA SER B 279 5.97 -6.22 16.81
C SER B 279 6.12 -7.35 15.79
N ASP B 280 7.24 -8.08 15.83
CA ASP B 280 7.43 -9.19 14.89
C ASP B 280 6.37 -10.25 15.17
N LEU B 281 6.16 -10.53 16.46
CA LEU B 281 5.17 -11.55 16.83
C LEU B 281 3.75 -11.13 16.44
N THR B 282 3.47 -9.82 16.49
CA THR B 282 2.16 -9.32 16.09
C THR B 282 1.92 -9.72 14.63
N ILE B 283 2.91 -9.54 13.78
CA ILE B 283 2.78 -9.86 12.36
C ILE B 283 2.53 -11.36 12.16
N LEU B 284 3.31 -12.19 12.85
CA LEU B 284 3.16 -13.64 12.75
C LEU B 284 1.77 -14.07 13.20
N GLN B 285 1.33 -13.57 14.34
CA GLN B 285 0.02 -13.92 14.85
C GLN B 285 -1.09 -13.44 13.92
N TYR B 286 -0.97 -12.22 13.43
CA TYR B 286 -1.98 -11.67 12.52
C TYR B 286 -2.10 -12.57 11.28
N GLU B 287 -0.94 -12.94 10.73
CA GLU B 287 -0.89 -13.78 9.54
C GLU B 287 -1.54 -15.15 9.78
N GLU B 288 -1.20 -15.79 10.89
CA GLU B 288 -1.78 -17.08 11.21
C GLU B 288 -3.29 -16.94 11.41
N LEU B 289 -3.70 -15.85 12.04
CA LEU B 289 -5.12 -15.59 12.29
C LEU B 289 -5.93 -15.54 11.00
N LYS B 290 -5.44 -14.81 10.00
CA LYS B 290 -6.14 -14.68 8.72
C LYS B 290 -6.34 -16.06 8.05
N LYS B 291 -5.34 -16.91 8.16
CA LYS B 291 -5.41 -18.24 7.56
C LYS B 291 -6.46 -19.09 8.25
N ARG B 292 -6.44 -19.08 9.58
CA ARG B 292 -7.40 -19.85 10.35
C ARG B 292 -8.82 -19.34 10.15
N CYS B 293 -8.98 -18.02 10.02
CA CYS B 293 -10.30 -17.45 9.80
C CYS B 293 -10.85 -18.02 8.49
N LYS B 294 -10.01 -18.04 7.47
CA LYS B 294 -10.36 -18.58 6.16
C LYS B 294 -10.74 -20.06 6.32
N LEU B 295 -9.94 -20.80 7.08
CA LEU B 295 -10.20 -22.22 7.32
C LEU B 295 -11.56 -22.47 7.99
N TYR B 296 -12.20 -21.43 8.53
CA TYR B 296 -13.51 -21.59 9.16
C TYR B 296 -14.58 -20.65 8.59
N GLY B 297 -14.29 -20.07 7.43
CA GLY B 297 -15.24 -19.16 6.81
C GLY B 297 -15.64 -17.97 7.65
N MET B 298 -14.72 -17.50 8.50
CA MET B 298 -15.00 -16.35 9.35
C MET B 298 -14.48 -15.03 8.76
N ARG B 299 -15.28 -13.98 8.87
CA ARG B 299 -14.89 -12.68 8.36
C ARG B 299 -14.05 -11.95 9.40
N LEU B 300 -12.91 -11.42 8.95
CA LEU B 300 -12.04 -10.67 9.86
C LEU B 300 -12.03 -9.21 9.39
N ASN B 301 -12.73 -8.35 10.13
CA ASN B 301 -12.79 -6.94 9.79
C ASN B 301 -11.43 -6.26 9.86
N ASN B 302 -11.37 -5.03 9.36
CA ASN B 302 -10.15 -4.22 9.31
C ASN B 302 -9.31 -4.20 10.58
N VAL B 303 -8.11 -4.76 10.49
CA VAL B 303 -7.19 -4.79 11.61
C VAL B 303 -5.97 -4.02 11.13
N GLU B 304 -5.50 -3.06 11.91
CA GLU B 304 -4.32 -2.27 11.53
C GLU B 304 -3.39 -2.04 12.71
N PHE B 305 -2.10 -2.05 12.46
CA PHE B 305 -1.13 -1.83 13.50
C PHE B 305 -0.10 -0.79 13.06
N SER B 306 0.40 -0.05 14.05
CA SER B 306 1.47 0.92 13.82
C SER B 306 2.55 0.24 14.68
N LEU B 307 3.46 -0.49 14.03
CA LEU B 307 4.48 -1.25 14.72
C LEU B 307 5.88 -0.67 14.75
N LYS B 308 6.64 -1.08 15.76
CA LYS B 308 8.01 -0.63 15.97
C LYS B 308 8.09 0.88 16.04
N LYS B 309 7.05 1.49 16.57
CA LYS B 309 7.04 2.93 16.75
C LYS B 309 6.21 3.35 17.94
N SER B 310 6.63 4.46 18.54
CA SER B 310 5.97 5.01 19.71
C SER B 310 4.58 5.53 19.37
N PHE B 311 3.65 5.44 20.31
CA PHE B 311 2.33 5.99 20.02
C PHE B 311 2.39 7.50 20.33
N VAL B 312 3.53 7.95 20.88
CA VAL B 312 3.73 9.38 21.20
C VAL B 312 4.25 10.06 19.93
N ASP B 313 3.61 11.17 19.54
CA ASP B 313 4.01 11.90 18.34
C ASP B 313 3.85 10.98 17.14
N ASN B 314 2.79 10.17 17.19
CA ASN B 314 2.48 9.23 16.14
C ASN B 314 1.31 9.80 15.33
N ASN B 315 1.59 10.19 14.09
CA ASN B 315 0.55 10.77 13.25
C ASN B 315 -0.68 9.91 13.02
N ARG B 316 -0.52 8.60 12.82
CA ARG B 316 -1.70 7.79 12.61
C ARG B 316 -2.46 7.74 13.92
N VAL B 317 -1.78 7.54 15.04
CA VAL B 317 -2.53 7.50 16.31
C VAL B 317 -3.31 8.80 16.48
N ALA B 318 -2.63 9.92 16.26
CA ALA B 318 -3.25 11.23 16.41
C ALA B 318 -4.46 11.45 15.49
N GLU B 319 -4.41 10.92 14.28
CA GLU B 319 -5.55 11.12 13.39
C GLU B 319 -6.73 10.23 13.75
N LEU B 320 -6.45 9.10 14.40
CA LEU B 320 -7.52 8.17 14.77
C LEU B 320 -8.22 8.49 16.11
N ILE B 321 -7.49 9.02 17.08
CA ILE B 321 -8.08 9.31 18.38
C ILE B 321 -9.48 9.91 18.32
N PRO B 322 -9.66 11.01 17.56
CA PRO B 322 -10.95 11.69 17.43
C PRO B 322 -12.14 10.82 17.00
N GLN B 323 -11.88 9.68 16.36
CA GLN B 323 -12.99 8.82 15.95
C GLN B 323 -13.13 7.56 16.77
N CYS B 324 -12.21 7.33 17.72
CA CYS B 324 -12.27 6.13 18.53
C CYS B 324 -13.50 6.11 19.42
N ASP B 325 -14.09 4.92 19.57
CA ASP B 325 -15.26 4.74 20.41
C ASP B 325 -14.79 4.10 21.70
N VAL B 326 -13.74 3.28 21.59
CA VAL B 326 -13.15 2.64 22.75
C VAL B 326 -11.65 2.71 22.61
N ILE B 327 -10.98 3.10 23.69
CA ILE B 327 -9.55 3.19 23.70
C ILE B 327 -9.07 2.40 24.91
N LEU B 328 -8.15 1.49 24.66
CA LEU B 328 -7.62 0.63 25.69
C LEU B 328 -6.15 0.97 25.92
N VAL B 329 -5.76 1.06 27.18
CA VAL B 329 -4.39 1.34 27.48
C VAL B 329 -4.01 0.67 28.79
N ASN B 330 -3.15 -0.32 28.70
CA ASN B 330 -2.68 -1.01 29.88
C ASN B 330 -1.53 -0.19 30.42
N ASN B 331 -1.86 0.81 31.24
CA ASN B 331 -0.88 1.69 31.86
C ASN B 331 -0.50 1.19 33.26
N PHE B 332 -0.69 -0.11 33.51
CA PHE B 332 -0.38 -0.65 34.82
C PHE B 332 1.04 -0.33 35.28
N LEU B 333 2.00 -0.44 34.37
CA LEU B 333 3.39 -0.18 34.73
C LEU B 333 3.96 1.12 34.18
N PHE B 334 3.11 1.95 33.60
CA PHE B 334 3.54 3.23 33.03
C PHE B 334 4.01 4.18 34.13
N ASP B 335 5.08 4.92 33.88
CA ASP B 335 5.56 5.87 34.86
C ASP B 335 4.83 7.19 34.69
N GLU B 336 5.06 8.09 35.63
CA GLU B 336 4.43 9.40 35.62
C GLU B 336 4.58 10.14 34.30
N ASP B 337 5.80 10.17 33.75
CA ASP B 337 6.08 10.86 32.47
C ASP B 337 5.27 10.31 31.28
N LEU B 338 5.22 8.99 31.17
CA LEU B 338 4.47 8.37 30.09
C LEU B 338 2.99 8.65 30.25
N ASN B 339 2.49 8.57 31.47
CA ASN B 339 1.07 8.83 31.69
C ASN B 339 0.73 10.26 31.25
N LYS B 340 1.67 11.18 31.45
CA LYS B 340 1.46 12.57 31.04
C LYS B 340 1.32 12.57 29.50
N LYS B 341 2.16 11.81 28.82
CA LYS B 341 2.09 11.74 27.36
C LYS B 341 0.76 11.11 26.91
N VAL B 342 0.31 10.09 27.62
CA VAL B 342 -0.97 9.46 27.29
C VAL B 342 -2.07 10.53 27.43
N GLU B 343 -1.99 11.27 28.53
CA GLU B 343 -2.96 12.35 28.80
C GLU B 343 -3.04 13.27 27.60
N LYS B 344 -1.89 13.71 27.11
CA LYS B 344 -1.84 14.61 25.95
C LYS B 344 -2.50 13.96 24.74
N ILE B 345 -2.19 12.70 24.49
CA ILE B 345 -2.77 11.99 23.34
C ILE B 345 -4.29 11.93 23.40
N LEU B 346 -4.85 11.78 24.60
CA LEU B 346 -6.29 11.66 24.76
C LEU B 346 -7.08 12.97 24.64
N GLN B 347 -6.40 14.10 24.62
CA GLN B 347 -7.09 15.38 24.56
C GLN B 347 -8.13 15.54 23.46
N THR B 348 -7.95 14.88 22.31
CA THR B 348 -8.90 15.02 21.21
C THR B 348 -10.01 13.97 21.13
N ALA B 349 -10.15 13.12 22.13
CA ALA B 349 -11.18 12.09 22.10
C ALA B 349 -12.57 12.74 22.00
N LYS B 350 -13.51 12.05 21.35
CA LYS B 350 -14.86 12.56 21.18
C LYS B 350 -15.80 12.22 22.33
N VAL B 351 -16.90 12.98 22.44
CA VAL B 351 -17.88 12.74 23.48
C VAL B 351 -18.43 11.34 23.30
N GLY B 352 -18.53 10.59 24.40
CA GLY B 352 -19.02 9.23 24.34
C GLY B 352 -17.91 8.19 24.30
N CYS B 353 -16.71 8.59 23.88
CA CYS B 353 -15.58 7.67 23.84
C CYS B 353 -15.32 7.10 25.23
N LYS B 354 -15.07 5.80 25.29
CA LYS B 354 -14.78 5.15 26.56
C LYS B 354 -13.33 4.70 26.56
N ILE B 355 -12.62 5.02 27.64
CA ILE B 355 -11.23 4.66 27.78
C ILE B 355 -11.07 3.65 28.91
N ILE B 356 -10.44 2.52 28.59
CA ILE B 356 -10.22 1.47 29.55
C ILE B 356 -8.77 1.51 29.99
N SER B 357 -8.54 1.50 31.30
CA SER B 357 -7.18 1.51 31.80
C SER B 357 -7.09 0.70 33.10
N LEU B 358 -5.87 0.37 33.51
CA LEU B 358 -5.69 -0.39 34.75
C LEU B 358 -5.40 0.52 35.94
N LYS B 359 -4.98 1.75 35.64
CA LYS B 359 -4.68 2.75 36.66
C LYS B 359 -5.50 3.93 36.18
N SER B 360 -6.06 4.69 37.10
CA SER B 360 -6.86 5.84 36.70
C SER B 360 -6.02 6.80 35.88
N LEU B 361 -6.66 7.43 34.90
CA LEU B 361 -5.97 8.40 34.04
C LEU B 361 -5.78 9.70 34.82
N ARG B 362 -6.82 10.10 35.55
CA ARG B 362 -6.83 11.33 36.35
C ARG B 362 -6.34 11.07 37.77
N SER B 363 -5.32 11.77 38.23
CA SER B 363 -4.89 11.57 39.62
C SER B 363 -6.12 11.61 40.52
N LEU B 364 -6.05 10.91 41.65
CA LEU B 364 -7.17 10.88 42.57
C LEU B 364 -7.29 12.24 43.23
N THR B 365 -6.16 12.95 43.33
CA THR B 365 -6.13 14.27 43.94
C THR B 365 -6.08 15.37 42.88
N TYR B 366 -6.46 15.03 41.65
CA TYR B 366 -6.47 15.98 40.55
C TYR B 366 -7.39 17.16 40.84
N GLN B 367 -6.91 18.37 40.59
CA GLN B 367 -7.73 19.55 40.80
C GLN B 367 -7.47 20.58 39.70
N ILE B 368 -8.54 21.17 39.21
CA ILE B 368 -8.45 22.19 38.16
C ILE B 368 -7.60 23.38 38.57
N ASN B 369 -6.67 23.76 37.70
CA ASN B 369 -5.81 24.92 37.93
C ASN B 369 -5.69 25.75 36.65
N PHE B 370 -4.76 26.69 36.62
CA PHE B 370 -4.63 27.54 35.46
C PHE B 370 -4.30 26.77 34.19
N TYR B 371 -3.37 25.84 34.30
CA TYR B 371 -2.90 25.08 33.15
C TYR B 371 -3.73 23.91 32.65
N ASN B 372 -4.83 23.58 33.30
CA ASN B 372 -5.63 22.46 32.84
C ASN B 372 -7.12 22.73 32.77
N VAL B 373 -7.51 24.00 32.59
CA VAL B 373 -8.94 24.30 32.52
C VAL B 373 -9.70 23.67 31.34
N GLU B 374 -9.02 23.45 30.21
CA GLU B 374 -9.69 22.84 29.05
C GLU B 374 -9.37 21.35 28.88
N ASN B 375 -8.44 20.86 29.69
CA ASN B 375 -8.05 19.46 29.68
C ASN B 375 -9.28 18.55 29.58
N ILE B 376 -9.23 17.55 28.71
CA ILE B 376 -10.39 16.65 28.56
C ILE B 376 -10.68 15.90 29.86
N PHE B 377 -9.67 15.78 30.73
CA PHE B 377 -9.86 15.13 32.01
C PHE B 377 -10.99 15.79 32.84
N ASN B 378 -11.26 17.07 32.57
CA ASN B 378 -12.30 17.78 33.31
C ASN B 378 -13.68 17.25 33.03
N ARG B 379 -13.89 16.62 31.88
CA ARG B 379 -15.24 16.15 31.56
C ARG B 379 -15.36 14.67 31.34
N LEU B 380 -14.57 13.99 32.11
CA LEU B 380 -14.42 12.56 31.97
C LEU B 380 -15.10 11.89 33.20
N LYS B 381 -16.04 10.97 32.98
CA LYS B 381 -16.71 10.25 34.09
C LYS B 381 -15.89 9.00 34.38
N VAL B 382 -15.35 8.90 35.59
CA VAL B 382 -14.51 7.78 35.95
C VAL B 382 -15.21 6.76 36.84
N GLN B 383 -15.19 5.50 36.40
CA GLN B 383 -15.80 4.41 37.16
C GLN B 383 -14.76 3.33 37.43
N ARG B 384 -14.61 2.97 38.71
CA ARG B 384 -13.66 1.95 39.13
C ARG B 384 -14.37 0.60 39.24
N TYR B 385 -13.63 -0.48 38.98
CA TYR B 385 -14.18 -1.82 39.06
C TYR B 385 -13.13 -2.76 39.62
N ASP B 386 -13.56 -3.83 40.27
CA ASP B 386 -12.61 -4.79 40.82
C ASP B 386 -12.23 -5.76 39.71
N LEU B 387 -10.97 -6.18 39.68
CA LEU B 387 -10.54 -7.13 38.67
C LEU B 387 -11.00 -8.51 39.11
N LYS B 388 -11.62 -9.26 38.22
CA LYS B 388 -12.05 -10.61 38.58
C LYS B 388 -10.82 -11.51 38.56
N GLU B 389 -10.97 -12.72 39.08
CA GLU B 389 -9.85 -13.65 39.12
C GLU B 389 -9.30 -13.95 37.73
N ASP B 390 -7.97 -13.95 37.62
CA ASP B 390 -7.29 -14.21 36.35
C ASP B 390 -7.75 -13.33 35.18
N SER B 391 -7.74 -12.02 35.40
CA SER B 391 -8.13 -11.08 34.35
C SER B 391 -6.90 -10.62 33.58
N VAL B 392 -5.76 -10.57 34.27
CA VAL B 392 -4.50 -10.14 33.69
C VAL B 392 -3.43 -11.20 33.99
N SER B 393 -2.37 -11.20 33.20
CA SER B 393 -1.29 -12.15 33.35
C SER B 393 -0.33 -11.98 34.53
N TRP B 394 -0.23 -10.77 35.08
CA TRP B 394 0.69 -10.54 36.18
C TRP B 394 0.18 -10.86 37.58
N THR B 395 -1.07 -11.27 37.71
CA THR B 395 -1.62 -11.62 39.02
C THR B 395 -2.85 -12.50 38.87
N HIS B 396 -3.10 -13.36 39.85
CA HIS B 396 -4.27 -14.24 39.77
C HIS B 396 -5.52 -13.61 40.36
N SER B 397 -5.36 -12.81 41.40
CA SER B 397 -6.51 -12.15 42.01
C SER B 397 -6.15 -10.75 42.46
N GLY B 398 -7.18 -9.99 42.81
CA GLY B 398 -6.98 -8.63 43.27
C GLY B 398 -6.86 -7.64 42.14
N GLY B 399 -6.63 -6.37 42.49
CA GLY B 399 -6.49 -5.35 41.49
C GLY B 399 -7.80 -4.72 41.07
N GLU B 400 -7.71 -3.72 40.19
CA GLU B 400 -8.87 -3.01 39.70
C GLU B 400 -8.60 -2.48 38.30
N TYR B 401 -9.62 -1.92 37.69
CA TYR B 401 -9.48 -1.33 36.37
C TYR B 401 -10.47 -0.19 36.28
N TYR B 402 -10.30 0.67 35.29
CA TYR B 402 -11.18 1.81 35.15
C TYR B 402 -11.75 2.00 33.75
N ILE B 403 -12.95 2.57 33.72
CA ILE B 403 -13.59 2.91 32.47
C ILE B 403 -13.93 4.39 32.62
N SER B 404 -13.29 5.21 31.80
CA SER B 404 -13.53 6.65 31.84
C SER B 404 -14.28 7.06 30.58
N THR B 405 -15.43 7.68 30.76
CA THR B 405 -16.24 8.09 29.62
C THR B 405 -16.10 9.59 29.38
N VAL B 406 -15.93 9.98 28.12
CA VAL B 406 -15.81 11.39 27.79
C VAL B 406 -17.20 12.00 27.73
N MET B 407 -17.50 12.90 28.66
CA MET B 407 -18.80 13.57 28.74
C MET B 407 -18.78 14.94 28.09
N GLU B 408 -19.96 15.50 27.85
CA GLU B 408 -20.04 16.82 27.25
C GLU B 408 -19.62 17.89 28.26
N ASP B 409 -20.05 17.75 29.52
CA ASP B 409 -19.71 18.75 30.51
C ASP B 409 -18.78 18.40 31.66
N VAL B 410 -18.09 19.44 32.12
CA VAL B 410 -17.13 19.39 33.22
C VAL B 410 -17.72 18.89 34.52
N ASP B 411 -16.92 18.17 35.29
CA ASP B 411 -17.35 17.67 36.60
C ASP B 411 -17.03 18.82 37.55
N GLU B 412 -18.06 19.44 38.12
CA GLU B 412 -17.86 20.57 39.02
C GLU B 412 -17.03 20.26 40.27
N SER B 413 -17.11 19.02 40.76
CA SER B 413 -16.36 18.65 41.95
C SER B 413 -14.84 18.78 41.79
N LEU B 414 -14.38 19.01 40.56
CA LEU B 414 -12.95 19.14 40.31
C LEU B 414 -12.37 20.52 40.66
N PHE B 415 -13.24 21.53 40.72
CA PHE B 415 -12.76 22.87 41.06
C PHE B 415 -12.44 22.99 42.54
N SER B 416 -11.66 24.01 42.89
CA SER B 416 -11.32 24.25 44.29
C SER B 416 -12.61 24.69 44.99
N PRO B 417 -12.72 24.40 46.29
CA PRO B 417 -13.93 24.78 47.03
C PRO B 417 -14.26 26.25 46.82
N ARG B 425 -1.46 -19.85 30.12
CA ARG B 425 -2.76 -19.39 29.55
C ARG B 425 -3.76 -20.53 29.49
N PRO B 428 -6.75 -24.98 30.69
CA PRO B 428 -6.83 -26.41 30.36
C PRO B 428 -7.78 -27.21 31.26
N VAL B 429 -8.78 -26.53 31.80
CA VAL B 429 -9.75 -27.15 32.70
C VAL B 429 -10.90 -27.82 31.93
N LYS B 430 -11.44 -28.90 32.49
CA LYS B 430 -12.56 -29.62 31.88
C LYS B 430 -13.85 -29.22 32.59
N TYR B 431 -14.97 -29.29 31.87
CA TYR B 431 -16.26 -28.87 32.41
C TYR B 431 -17.23 -29.99 32.71
N THR B 432 -18.24 -29.67 33.53
CA THR B 432 -19.26 -30.64 33.93
C THR B 432 -20.14 -31.07 32.76
N SER C 27 -7.30 -10.40 -52.33
CA SER C 27 -6.20 -10.46 -51.33
C SER C 27 -6.70 -10.03 -49.95
N SER C 28 -6.15 -10.66 -48.91
CA SER C 28 -6.54 -10.35 -47.54
C SER C 28 -5.55 -9.46 -46.81
N THR C 29 -5.96 -8.98 -45.66
CA THR C 29 -5.15 -8.13 -44.80
C THR C 29 -5.43 -8.60 -43.38
N PHE C 30 -4.40 -8.63 -42.54
CA PHE C 30 -4.55 -9.11 -41.18
C PHE C 30 -5.48 -8.25 -40.33
N VAL C 31 -5.47 -6.95 -40.58
CA VAL C 31 -6.31 -6.03 -39.85
C VAL C 31 -7.23 -5.35 -40.86
N ASP C 32 -8.36 -4.83 -40.38
CA ASP C 32 -9.32 -4.16 -41.25
C ASP C 32 -8.92 -2.69 -41.38
N TRP C 33 -8.43 -2.33 -42.56
CA TRP C 33 -8.01 -0.96 -42.82
C TRP C 33 -9.18 0.00 -43.00
N ASN C 34 -10.40 -0.55 -42.94
CA ASN C 34 -11.62 0.23 -43.09
C ASN C 34 -12.53 0.07 -41.87
N GLY C 35 -11.95 -0.39 -40.76
CA GLY C 35 -12.72 -0.58 -39.54
C GLY C 35 -13.00 0.71 -38.79
N PRO C 36 -13.85 0.65 -37.74
CA PRO C 36 -14.21 1.83 -36.93
C PRO C 36 -12.99 2.36 -36.16
N CYS C 37 -12.93 3.67 -35.98
CA CYS C 37 -11.82 4.28 -35.26
C CYS C 37 -12.25 4.80 -33.88
N LEU C 38 -11.32 4.75 -32.93
CA LEU C 38 -11.57 5.23 -31.58
C LEU C 38 -10.86 6.55 -31.44
N ARG C 39 -11.58 7.57 -30.99
CA ARG C 39 -10.95 8.87 -30.79
C ARG C 39 -10.25 8.89 -29.43
N LEU C 40 -8.95 9.20 -29.44
CA LEU C 40 -8.18 9.25 -28.21
C LEU C 40 -8.54 10.50 -27.41
N GLN C 41 -9.14 10.31 -26.25
CA GLN C 41 -9.53 11.42 -25.40
C GLN C 41 -8.56 11.62 -24.24
N TYR C 42 -7.41 10.96 -24.31
CA TYR C 42 -6.39 11.09 -23.27
C TYR C 42 -5.07 10.71 -23.90
N PRO C 43 -3.94 11.10 -23.27
CA PRO C 43 -2.59 10.81 -23.77
C PRO C 43 -2.23 9.31 -23.72
N LEU C 44 -2.69 8.53 -24.70
CA LEU C 44 -2.40 7.09 -24.77
C LEU C 44 -0.92 6.79 -24.84
N PHE C 45 -0.23 7.46 -25.75
CA PHE C 45 1.20 7.22 -25.90
C PHE C 45 1.98 8.17 -25.03
N ASP C 46 2.82 7.63 -24.16
CA ASP C 46 3.62 8.45 -23.24
C ASP C 46 4.85 9.04 -23.92
N ILE C 47 4.68 10.21 -24.51
CA ILE C 47 5.77 10.87 -25.21
C ILE C 47 7.00 11.08 -24.32
N GLU C 48 6.82 11.69 -23.16
CA GLU C 48 7.93 11.93 -22.25
C GLU C 48 8.72 10.66 -21.99
N TYR C 49 8.01 9.59 -21.63
CA TYR C 49 8.65 8.31 -21.36
C TYR C 49 9.53 7.86 -22.53
N LEU C 50 8.96 7.79 -23.73
CA LEU C 50 9.72 7.34 -24.89
C LEU C 50 10.97 8.17 -25.17
N ARG C 51 10.88 9.48 -25.07
CA ARG C 51 12.05 10.31 -25.31
C ARG C 51 13.13 10.16 -24.24
N SER C 52 12.76 9.59 -23.09
CA SER C 52 13.72 9.40 -22.01
C SER C 52 14.21 7.96 -21.85
N HIS C 53 13.59 7.02 -22.56
CA HIS C 53 13.96 5.61 -22.48
C HIS C 53 14.15 5.01 -23.87
N GLU C 54 15.37 4.63 -24.20
CA GLU C 54 15.66 4.04 -25.51
C GLU C 54 15.86 2.53 -25.42
N ILE C 55 16.10 2.03 -24.21
CA ILE C 55 16.30 0.60 -24.01
C ILE C 55 15.13 0.00 -23.23
N TYR C 56 14.75 -1.22 -23.61
CA TYR C 56 13.65 -1.91 -22.96
C TYR C 56 14.19 -3.13 -22.22
N SER C 57 13.92 -3.23 -20.92
CA SER C 57 14.42 -4.38 -20.17
C SER C 57 13.34 -5.18 -19.45
N GLY C 58 12.07 -4.94 -19.77
CA GLY C 58 10.99 -5.70 -19.14
C GLY C 58 11.09 -7.17 -19.49
N THR C 59 10.26 -8.01 -18.89
CA THR C 59 10.31 -9.45 -19.17
C THR C 59 8.97 -10.03 -19.62
N PRO C 60 8.47 -9.61 -20.79
CA PRO C 60 7.20 -10.12 -21.31
C PRO C 60 7.27 -11.61 -21.61
N ILE C 61 6.12 -12.28 -21.64
CA ILE C 61 6.09 -13.70 -21.96
C ILE C 61 6.26 -13.83 -23.47
N GLN C 62 7.40 -14.39 -23.89
CA GLN C 62 7.67 -14.56 -25.32
C GLN C 62 6.66 -15.53 -25.96
N SER C 63 6.28 -15.25 -27.20
CA SER C 63 5.33 -16.09 -27.90
C SER C 63 5.83 -17.49 -28.20
N ILE C 64 7.14 -17.63 -28.39
CA ILE C 64 7.74 -18.93 -28.68
C ILE C 64 7.49 -19.94 -27.55
N SER C 65 7.24 -19.43 -26.35
CA SER C 65 7.02 -20.31 -25.20
C SER C 65 5.61 -20.90 -25.09
N LEU C 66 4.67 -20.38 -25.87
CA LEU C 66 3.30 -20.91 -25.83
C LEU C 66 3.25 -22.29 -26.49
N ARG C 67 2.11 -22.96 -26.42
CA ARG C 67 2.01 -24.32 -26.96
C ARG C 67 1.38 -24.55 -28.34
N THR C 68 0.05 -24.52 -28.40
CA THR C 68 -0.71 -24.76 -29.63
C THR C 68 -0.67 -26.23 -30.04
N THR C 86 11.85 -22.72 -38.75
CA THR C 86 10.50 -22.81 -38.21
C THR C 86 10.23 -21.73 -37.16
N THR C 87 11.12 -20.76 -37.05
CA THR C 87 10.94 -19.67 -36.10
C THR C 87 11.45 -18.36 -36.68
N ALA C 88 10.88 -17.26 -36.22
CA ALA C 88 11.27 -15.94 -36.68
C ALA C 88 11.20 -14.96 -35.51
N LYS C 89 12.03 -13.93 -35.56
CA LYS C 89 12.06 -12.92 -34.52
C LYS C 89 11.50 -11.62 -35.07
N LEU C 90 10.75 -10.90 -34.25
CA LEU C 90 10.15 -9.63 -34.67
C LEU C 90 10.83 -8.46 -33.97
N GLN C 91 11.29 -7.48 -34.75
CA GLN C 91 11.95 -6.31 -34.16
C GLN C 91 10.92 -5.35 -33.60
N SER C 92 11.20 -4.80 -32.43
CA SER C 92 10.32 -3.84 -31.81
C SER C 92 10.57 -2.52 -32.53
N ILE C 93 9.49 -1.82 -32.85
CA ILE C 93 9.64 -0.57 -33.56
C ILE C 93 10.00 0.60 -32.66
N LEU C 94 9.92 0.42 -31.35
CA LEU C 94 10.26 1.51 -30.43
C LEU C 94 11.56 1.30 -29.66
N PHE C 95 11.91 0.04 -29.44
CA PHE C 95 13.12 -0.27 -28.70
C PHE C 95 14.03 -1.18 -29.51
N SER C 96 15.14 -0.61 -29.99
CA SER C 96 16.09 -1.34 -30.83
C SER C 96 16.65 -2.65 -30.30
N ASN C 97 16.67 -2.79 -28.98
CA ASN C 97 17.22 -3.98 -28.34
C ASN C 97 16.23 -5.12 -28.18
N TYR C 98 14.96 -4.87 -28.46
CA TYR C 98 13.96 -5.91 -28.27
C TYR C 98 13.46 -6.64 -29.50
N MET C 99 13.43 -7.96 -29.40
CA MET C 99 12.93 -8.82 -30.47
C MET C 99 12.22 -9.97 -29.76
N GLU C 100 11.14 -10.43 -30.35
CA GLU C 100 10.39 -11.55 -29.78
C GLU C 100 10.34 -12.66 -30.80
N GLU C 101 10.62 -13.87 -30.34
CA GLU C 101 10.64 -15.03 -31.22
C GLU C 101 9.29 -15.73 -31.33
N TYR C 102 8.89 -16.02 -32.58
CA TYR C 102 7.63 -16.69 -32.84
C TYR C 102 7.87 -18.03 -33.52
N LYS C 103 6.92 -18.94 -33.34
CA LYS C 103 6.99 -20.29 -33.91
C LYS C 103 6.18 -20.31 -35.20
N VAL C 104 6.85 -20.44 -36.34
CA VAL C 104 6.17 -20.47 -37.65
C VAL C 104 6.04 -21.91 -38.17
N ASP C 105 4.81 -22.41 -38.20
CA ASP C 105 4.43 -23.78 -38.62
C ASP C 105 3.11 -23.66 -39.25
N PHE C 106 3.02 -23.59 -40.56
CA PHE C 106 1.75 -23.49 -41.13
C PHE C 106 0.96 -24.87 -41.06
N LYS C 107 1.76 -25.92 -41.12
CA LYS C 107 1.28 -27.30 -41.17
C LYS C 107 0.18 -27.50 -40.14
N ARG C 108 0.47 -27.15 -38.89
CA ARG C 108 -0.49 -27.28 -37.80
C ARG C 108 -1.79 -26.57 -38.17
N SER C 109 -2.87 -26.97 -37.49
CA SER C 109 -4.18 -26.37 -37.73
C SER C 109 -4.33 -25.13 -36.87
N THR C 110 -3.39 -24.90 -35.96
CA THR C 110 -3.43 -23.74 -35.08
C THR C 110 -4.69 -23.81 -34.22
N ALA C 111 -4.89 -24.99 -33.61
CA ALA C 111 -6.05 -25.21 -32.78
C ALA C 111 -6.30 -24.08 -31.79
N ILE C 112 -5.27 -23.73 -31.01
CA ILE C 112 -5.42 -22.68 -30.01
C ILE C 112 -4.79 -21.33 -30.31
N TYR C 113 -3.51 -21.33 -30.71
CA TYR C 113 -2.80 -20.09 -30.99
C TYR C 113 -2.19 -20.03 -32.38
N ASN C 114 -2.20 -18.84 -32.98
CA ASN C 114 -1.65 -18.63 -34.31
C ASN C 114 -0.60 -17.54 -34.28
N PRO C 115 0.68 -17.93 -34.14
CA PRO C 115 1.79 -16.98 -34.11
C PRO C 115 1.87 -16.13 -35.36
N MET C 116 1.60 -16.75 -36.51
CA MET C 116 1.64 -16.03 -37.78
C MET C 116 0.68 -14.86 -37.74
N SER C 117 -0.59 -15.16 -37.54
CA SER C 117 -1.64 -14.16 -37.49
C SER C 117 -1.26 -12.96 -36.63
N GLU C 118 -0.71 -13.23 -35.44
CA GLU C 118 -0.33 -12.14 -34.54
C GLU C 118 0.73 -11.26 -35.17
N ILE C 119 1.73 -11.90 -35.78
CA ILE C 119 2.80 -11.17 -36.45
C ILE C 119 2.23 -10.26 -37.53
N GLY C 120 1.40 -10.84 -38.39
CA GLY C 120 0.79 -10.06 -39.45
C GLY C 120 0.12 -8.82 -38.88
N LYS C 121 -0.68 -9.02 -37.84
CA LYS C 121 -1.40 -7.93 -37.18
C LYS C 121 -0.45 -6.85 -36.67
N LEU C 122 0.58 -7.25 -35.92
CA LEU C 122 1.54 -6.31 -35.38
C LEU C 122 2.24 -5.51 -36.48
N ILE C 123 2.57 -6.18 -37.57
CA ILE C 123 3.24 -5.48 -38.66
C ILE C 123 2.30 -4.48 -39.30
N GLU C 124 1.03 -4.87 -39.47
CA GLU C 124 0.08 -3.93 -40.05
C GLU C 124 -0.16 -2.72 -39.15
N TYR C 125 -0.23 -2.93 -37.83
CA TYR C 125 -0.44 -1.78 -36.95
C TYR C 125 0.76 -0.86 -36.98
N SER C 126 1.91 -1.43 -37.31
CA SER C 126 3.13 -0.65 -37.41
C SER C 126 2.94 0.36 -38.55
N CYS C 127 2.37 -0.12 -39.65
CA CYS C 127 2.13 0.73 -40.81
C CYS C 127 0.88 1.59 -40.62
N LEU C 128 -0.17 0.98 -40.07
CA LEU C 128 -1.45 1.64 -39.86
C LEU C 128 -1.46 2.74 -38.79
N VAL C 129 -0.70 2.57 -37.71
CA VAL C 129 -0.72 3.59 -36.65
C VAL C 129 0.60 4.10 -36.09
N PHE C 130 1.65 3.29 -36.10
CA PHE C 130 2.92 3.75 -35.52
C PHE C 130 3.86 4.62 -36.36
N LEU C 131 3.74 4.57 -37.69
CA LEU C 131 4.67 5.34 -38.53
C LEU C 131 4.18 6.60 -39.21
N PRO C 132 5.08 7.55 -39.40
CA PRO C 132 4.77 8.83 -40.05
C PRO C 132 4.77 8.65 -41.55
N SER C 133 4.17 9.54 -42.31
CA SER C 133 4.49 9.38 -43.71
C SER C 133 6.08 9.61 -43.75
N PRO C 134 6.75 8.96 -44.67
CA PRO C 134 6.58 8.12 -45.85
C PRO C 134 6.79 6.77 -45.42
N TYR C 135 7.43 6.60 -44.29
CA TYR C 135 7.73 5.25 -43.97
C TYR C 135 6.49 4.43 -43.95
N ALA C 136 5.36 5.00 -43.52
CA ALA C 136 4.14 4.20 -43.47
C ALA C 136 3.77 3.61 -44.84
N GLU C 137 3.60 4.48 -45.83
CA GLU C 137 3.21 4.06 -47.18
C GLU C 137 4.21 3.08 -47.78
N GLN C 138 5.48 3.46 -47.75
CA GLN C 138 6.54 2.62 -48.31
C GLN C 138 6.68 1.28 -47.63
N LEU C 139 6.65 1.27 -46.29
CA LEU C 139 6.79 0.02 -45.56
C LEU C 139 5.61 -0.88 -45.92
N LYS C 140 4.42 -0.32 -45.96
CA LYS C 140 3.20 -1.06 -46.28
C LYS C 140 3.32 -1.72 -47.66
N GLU C 141 3.55 -0.90 -48.69
CA GLU C 141 3.67 -1.38 -50.06
C GLU C 141 4.83 -2.37 -50.25
N THR C 142 5.86 -2.25 -49.42
CA THR C 142 7.03 -3.11 -49.53
C THR C 142 6.94 -4.47 -48.84
N ILE C 143 6.23 -4.50 -47.73
CA ILE C 143 6.13 -5.70 -46.89
C ILE C 143 4.76 -6.41 -46.87
N LEU C 144 3.70 -5.61 -46.78
CA LEU C 144 2.37 -6.18 -46.67
C LEU C 144 1.86 -7.08 -47.79
N PRO C 145 2.00 -6.67 -49.05
CA PRO C 145 1.51 -7.56 -50.11
C PRO C 145 2.08 -8.97 -50.00
N ASP C 146 3.37 -9.05 -49.71
CA ASP C 146 4.03 -10.34 -49.59
C ASP C 146 3.78 -11.06 -48.27
N LEU C 147 3.79 -10.33 -47.16
CA LEU C 147 3.53 -10.93 -45.86
C LEU C 147 2.18 -11.63 -45.92
N ASN C 148 1.17 -10.95 -46.46
CA ASN C 148 -0.16 -11.54 -46.58
C ASN C 148 -0.16 -12.72 -47.54
N ALA C 149 0.31 -12.48 -48.75
CA ALA C 149 0.36 -13.52 -49.78
C ALA C 149 0.97 -14.81 -49.22
N SER C 150 2.19 -14.69 -48.68
CA SER C 150 2.87 -15.85 -48.12
C SER C 150 2.02 -16.52 -47.04
N PHE C 151 1.44 -15.71 -46.16
CA PHE C 151 0.61 -16.23 -45.07
C PHE C 151 -0.50 -17.14 -45.61
N ASP C 152 -1.30 -16.60 -46.53
CA ASP C 152 -2.40 -17.35 -47.11
C ASP C 152 -1.95 -18.61 -47.82
N ASN C 153 -0.85 -18.51 -48.58
CA ASN C 153 -0.33 -19.65 -49.32
C ASN C 153 0.50 -20.62 -48.48
N SER C 154 0.57 -20.37 -47.18
CA SER C 154 1.33 -21.24 -46.27
C SER C 154 2.79 -21.36 -46.70
N ASP C 155 3.34 -20.26 -47.21
CA ASP C 155 4.73 -20.21 -47.67
C ASP C 155 5.66 -19.80 -46.54
N THR C 156 6.17 -20.79 -45.80
CA THR C 156 7.06 -20.52 -44.67
C THR C 156 8.20 -19.56 -44.99
N LYS C 157 9.05 -19.91 -45.95
CA LYS C 157 10.19 -19.08 -46.33
C LYS C 157 9.81 -17.68 -46.80
N GLY C 158 8.70 -17.57 -47.50
CA GLY C 158 8.26 -16.26 -47.98
C GLY C 158 7.78 -15.39 -46.82
N PHE C 159 7.18 -16.03 -45.82
CA PHE C 159 6.68 -15.32 -44.65
C PHE C 159 7.86 -14.86 -43.82
N VAL C 160 8.77 -15.78 -43.52
CA VAL C 160 9.94 -15.43 -42.73
C VAL C 160 10.79 -14.41 -43.48
N ASN C 161 10.78 -14.48 -44.81
CA ASN C 161 11.54 -13.54 -45.60
C ASN C 161 10.97 -12.13 -45.45
N ALA C 162 9.66 -11.99 -45.59
CA ALA C 162 9.02 -10.70 -45.45
C ALA C 162 9.29 -10.11 -44.06
N ILE C 163 9.28 -10.96 -43.03
CA ILE C 163 9.54 -10.53 -41.67
C ILE C 163 10.93 -9.95 -41.50
N ASN C 164 11.92 -10.63 -42.10
CA ASN C 164 13.30 -10.17 -42.00
C ASN C 164 13.51 -8.82 -42.67
N LEU C 165 12.88 -8.62 -43.83
CA LEU C 165 13.02 -7.35 -44.51
C LEU C 165 12.38 -6.25 -43.63
N TYR C 166 11.20 -6.57 -43.08
CA TYR C 166 10.51 -5.63 -42.20
C TYR C 166 11.48 -5.24 -41.07
N ASN C 167 12.05 -6.24 -40.41
CA ASN C 167 13.00 -5.97 -39.34
C ASN C 167 14.11 -5.01 -39.75
N LYS C 168 14.78 -5.30 -40.88
CA LYS C 168 15.86 -4.44 -41.36
C LYS C 168 15.40 -3.04 -41.67
N MET C 169 14.24 -2.93 -42.31
CA MET C 169 13.71 -1.62 -42.69
C MET C 169 13.30 -0.76 -41.50
N ILE C 170 12.63 -1.37 -40.52
CA ILE C 170 12.19 -0.64 -39.33
C ILE C 170 13.36 0.02 -38.62
N ARG C 171 14.46 -0.72 -38.49
CA ARG C 171 15.64 -0.22 -37.81
C ARG C 171 16.21 1.08 -38.36
N GLU C 172 15.90 1.39 -39.62
CA GLU C 172 16.44 2.59 -40.23
C GLU C 172 15.53 3.82 -40.22
N ILE C 173 14.48 3.75 -39.42
CA ILE C 173 13.54 4.88 -39.30
C ILE C 173 13.96 5.71 -38.09
N PRO C 174 14.27 7.00 -38.29
CA PRO C 174 14.67 7.86 -37.17
C PRO C 174 13.65 7.75 -36.04
N ARG C 175 14.12 7.38 -34.85
CA ARG C 175 13.23 7.21 -33.70
C ARG C 175 12.42 8.46 -33.39
N GLN C 176 13.06 9.62 -33.42
CA GLN C 176 12.36 10.87 -33.15
C GLN C 176 11.16 11.08 -34.09
N ARG C 177 11.28 10.60 -35.32
CA ARG C 177 10.19 10.75 -36.28
C ARG C 177 9.01 9.91 -35.83
N ILE C 178 9.30 8.71 -35.32
CA ILE C 178 8.27 7.82 -34.85
C ILE C 178 7.62 8.44 -33.59
N ILE C 179 8.45 8.86 -32.66
CA ILE C 179 7.92 9.46 -31.45
C ILE C 179 7.08 10.70 -31.76
N ASP C 180 7.61 11.59 -32.60
CA ASP C 180 6.89 12.81 -32.96
C ASP C 180 5.53 12.50 -33.56
N HIS C 181 5.47 11.40 -34.30
CA HIS C 181 4.23 10.96 -34.93
C HIS C 181 3.22 10.47 -33.89
N LEU C 182 3.70 9.71 -32.90
CA LEU C 182 2.83 9.21 -31.84
C LEU C 182 2.24 10.38 -31.06
N GLU C 183 3.00 11.45 -31.00
CA GLU C 183 2.60 12.65 -30.28
C GLU C 183 1.47 13.35 -31.03
N THR C 184 1.31 13.05 -32.31
CA THR C 184 0.26 13.66 -33.12
C THR C 184 -1.00 12.80 -33.27
N ILE C 185 -0.91 11.54 -32.88
CA ILE C 185 -2.06 10.66 -32.99
C ILE C 185 -3.22 11.14 -32.12
N ASP C 186 -4.41 11.24 -32.70
CA ASP C 186 -5.57 11.69 -31.95
C ASP C 186 -6.70 10.69 -32.23
N LYS C 187 -6.40 9.70 -33.05
CA LYS C 187 -7.38 8.69 -33.43
C LYS C 187 -6.65 7.39 -33.78
N ILE C 188 -7.18 6.27 -33.30
CA ILE C 188 -6.58 4.96 -33.63
C ILE C 188 -7.71 3.99 -33.91
N PRO C 189 -7.44 2.94 -34.68
CA PRO C 189 -8.47 1.95 -35.01
C PRO C 189 -9.06 1.35 -33.72
N ARG C 190 -10.39 1.25 -33.66
CA ARG C 190 -11.03 0.68 -32.49
C ARG C 190 -10.48 -0.72 -32.21
N SER C 191 -10.13 -1.42 -33.28
CA SER C 191 -9.61 -2.79 -33.14
C SER C 191 -8.20 -2.89 -32.56
N PHE C 192 -7.45 -1.79 -32.50
CA PHE C 192 -6.09 -1.86 -31.95
C PHE C 192 -6.08 -2.35 -30.49
N ILE C 193 -6.73 -1.59 -29.62
CA ILE C 193 -6.77 -1.97 -28.22
C ILE C 193 -7.32 -3.39 -28.09
N HIS C 194 -8.36 -3.72 -28.84
CA HIS C 194 -8.95 -5.06 -28.80
C HIS C 194 -7.89 -6.11 -29.12
N ASP C 195 -7.19 -5.95 -30.24
CA ASP C 195 -6.17 -6.91 -30.63
C ASP C 195 -4.97 -6.90 -29.66
N PHE C 196 -4.63 -5.73 -29.14
CA PHE C 196 -3.54 -5.63 -28.19
C PHE C 196 -3.85 -6.44 -26.91
N LEU C 197 -5.05 -6.27 -26.37
CA LEU C 197 -5.43 -6.99 -25.17
C LEU C 197 -5.55 -8.50 -25.42
N HIS C 198 -5.93 -8.91 -26.64
CA HIS C 198 -6.08 -10.34 -26.97
C HIS C 198 -4.76 -11.00 -26.94
N ILE C 199 -3.77 -10.28 -27.39
CA ILE C 199 -2.42 -10.80 -27.41
C ILE C 199 -2.09 -11.10 -25.95
N VAL C 200 -2.32 -10.15 -25.06
CA VAL C 200 -2.06 -10.36 -23.64
C VAL C 200 -2.87 -11.55 -23.14
N TYR C 201 -4.14 -11.61 -23.54
CA TYR C 201 -5.04 -12.67 -23.15
C TYR C 201 -4.50 -14.05 -23.59
N THR C 202 -3.78 -14.10 -24.72
CA THR C 202 -3.24 -15.39 -25.18
C THR C 202 -1.99 -15.75 -24.38
N ARG C 203 -1.31 -14.74 -23.85
CA ARG C 203 -0.10 -14.91 -23.06
C ARG C 203 -0.38 -15.29 -21.61
N SER C 204 -1.59 -15.06 -21.15
CA SER C 204 -1.86 -15.31 -19.75
C SER C 204 -3.14 -16.03 -19.35
N ILE C 205 -4.21 -15.81 -20.09
CA ILE C 205 -5.48 -16.46 -19.76
C ILE C 205 -5.72 -17.77 -20.49
N HIS C 206 -5.61 -17.74 -21.82
CA HIS C 206 -5.85 -18.93 -22.64
C HIS C 206 -5.22 -20.23 -22.15
N PRO C 207 -3.92 -20.21 -21.82
CA PRO C 207 -3.24 -21.41 -21.32
C PRO C 207 -3.91 -22.11 -20.13
N GLN C 208 -4.54 -21.33 -19.25
CA GLN C 208 -5.20 -21.90 -18.08
C GLN C 208 -6.72 -21.65 -18.02
N ALA C 209 -7.33 -21.37 -19.16
CA ALA C 209 -8.77 -21.09 -19.22
C ALA C 209 -9.65 -22.13 -18.51
N ASN C 210 -9.22 -23.39 -18.53
CA ASN C 210 -9.99 -24.47 -17.92
C ASN C 210 -10.17 -24.31 -16.41
N LYS C 211 -9.27 -23.56 -15.78
CA LYS C 211 -9.35 -23.35 -14.33
C LYS C 211 -10.49 -22.41 -13.97
N LEU C 212 -11.04 -21.74 -14.99
CA LEU C 212 -12.16 -20.83 -14.76
C LEU C 212 -13.49 -21.52 -14.84
N LYS C 213 -13.48 -22.79 -15.25
CA LYS C 213 -14.71 -23.55 -15.37
C LYS C 213 -14.85 -24.78 -14.48
N HIS C 214 -14.45 -24.66 -13.23
CA HIS C 214 -14.56 -25.81 -12.33
C HIS C 214 -16.02 -25.90 -11.90
N TYR C 215 -16.45 -27.10 -11.50
CA TYR C 215 -17.82 -27.30 -11.05
C TYR C 215 -18.31 -26.11 -10.26
N LYS C 216 -19.46 -25.57 -10.65
CA LYS C 216 -20.04 -24.41 -9.97
C LYS C 216 -21.32 -24.79 -9.22
N ALA C 217 -21.24 -24.83 -7.90
CA ALA C 217 -22.39 -25.17 -7.05
C ALA C 217 -23.48 -24.11 -7.15
N PHE C 218 -23.08 -22.85 -7.28
CA PHE C 218 -24.04 -21.76 -7.39
C PHE C 218 -23.83 -20.98 -8.69
N SER C 219 -24.93 -20.66 -9.37
CA SER C 219 -24.87 -19.92 -10.62
C SER C 219 -24.20 -18.57 -10.39
N ASN C 220 -24.19 -18.10 -9.14
CA ASN C 220 -23.58 -16.81 -8.83
C ASN C 220 -22.12 -16.73 -9.26
N TYR C 221 -21.42 -17.84 -9.23
CA TYR C 221 -20.00 -17.84 -9.56
C TYR C 221 -19.64 -18.41 -10.93
N VAL C 222 -20.64 -18.60 -11.79
CA VAL C 222 -20.40 -19.11 -13.12
C VAL C 222 -19.76 -18.00 -13.94
N TYR C 223 -18.60 -18.28 -14.52
CA TYR C 223 -17.86 -17.30 -15.30
C TYR C 223 -18.49 -17.01 -16.66
N GLY C 224 -18.68 -15.71 -16.93
CA GLY C 224 -19.23 -15.27 -18.19
C GLY C 224 -18.44 -14.04 -18.62
N GLU C 225 -18.20 -13.86 -19.91
CA GLU C 225 -17.43 -12.72 -20.37
C GLU C 225 -18.17 -11.74 -21.27
N LEU C 226 -17.96 -10.45 -21.00
CA LEU C 226 -18.53 -9.41 -21.86
C LEU C 226 -17.38 -9.20 -22.84
N LEU C 227 -17.67 -9.26 -24.14
CA LEU C 227 -16.66 -9.12 -25.19
C LEU C 227 -16.22 -7.69 -25.51
N PRO C 228 -14.99 -7.54 -26.04
CA PRO C 228 -14.39 -6.25 -26.40
C PRO C 228 -15.25 -5.24 -27.14
N ASN C 229 -15.90 -5.66 -28.23
CA ASN C 229 -16.73 -4.72 -28.98
C ASN C 229 -17.95 -4.24 -28.20
N PHE C 230 -18.53 -5.14 -27.40
CA PHE C 230 -19.65 -4.75 -26.57
C PHE C 230 -19.16 -3.71 -25.56
N LEU C 231 -18.04 -4.00 -24.90
CA LEU C 231 -17.48 -3.08 -23.90
C LEU C 231 -17.24 -1.70 -24.52
N SER C 232 -16.65 -1.69 -25.72
CA SER C 232 -16.38 -0.43 -26.39
C SER C 232 -17.66 0.37 -26.62
N ASP C 233 -18.72 -0.31 -27.05
CA ASP C 233 -20.01 0.35 -27.25
C ASP C 233 -20.61 0.95 -25.96
N VAL C 234 -20.71 0.13 -24.90
CA VAL C 234 -21.28 0.62 -23.64
C VAL C 234 -20.48 1.67 -22.90
N TYR C 235 -19.16 1.63 -23.05
CA TYR C 235 -18.27 2.63 -22.43
C TYR C 235 -18.53 3.94 -23.13
N GLN C 236 -18.71 3.89 -24.45
CA GLN C 236 -19.01 5.11 -25.20
C GLN C 236 -20.42 5.62 -24.90
N GLN C 237 -21.39 4.72 -24.78
CA GLN C 237 -22.75 5.14 -24.45
C GLN C 237 -22.81 5.84 -23.10
N CYS C 238 -21.92 5.44 -22.19
CA CYS C 238 -21.87 6.02 -20.85
C CYS C 238 -20.91 7.20 -20.76
N GLN C 239 -20.27 7.50 -21.86
CA GLN C 239 -19.30 8.59 -21.90
C GLN C 239 -18.18 8.40 -20.88
N LEU C 240 -17.72 7.16 -20.72
CA LEU C 240 -16.61 6.89 -19.81
C LEU C 240 -15.49 7.77 -20.38
N LYS C 241 -14.86 8.60 -19.55
CA LYS C 241 -13.83 9.50 -20.05
C LYS C 241 -12.62 9.66 -19.11
N LYS C 242 -11.64 10.43 -19.57
CA LYS C 242 -10.44 10.68 -18.80
C LYS C 242 -10.81 11.22 -17.43
N GLY C 243 -10.13 10.74 -16.40
CA GLY C 243 -10.42 11.24 -15.06
C GLY C 243 -11.56 10.59 -14.32
N ASP C 244 -12.33 9.74 -15.01
CA ASP C 244 -13.47 9.06 -14.37
C ASP C 244 -12.99 7.87 -13.53
N THR C 245 -13.89 7.36 -12.71
CA THR C 245 -13.60 6.18 -11.92
C THR C 245 -14.53 5.12 -12.47
N PHE C 246 -13.98 3.95 -12.77
CA PHE C 246 -14.76 2.84 -13.30
C PHE C 246 -14.65 1.65 -12.36
N MET C 247 -15.77 0.98 -12.15
CA MET C 247 -15.79 -0.18 -11.28
C MET C 247 -16.52 -1.35 -11.91
N ASP C 248 -15.95 -2.55 -11.76
CA ASP C 248 -16.59 -3.74 -12.27
C ASP C 248 -16.81 -4.70 -11.07
N LEU C 249 -18.07 -4.88 -10.68
CA LEU C 249 -18.44 -5.76 -9.57
C LEU C 249 -18.48 -7.17 -10.11
N GLY C 250 -17.49 -7.98 -9.75
CA GLY C 250 -17.40 -9.35 -10.26
C GLY C 250 -16.59 -9.24 -11.54
N SER C 251 -15.33 -8.84 -11.41
CA SER C 251 -14.43 -8.60 -12.55
C SER C 251 -13.84 -9.78 -13.30
N GLY C 252 -14.13 -11.01 -12.91
CA GLY C 252 -13.59 -12.17 -13.61
C GLY C 252 -12.06 -12.14 -13.65
N VAL C 253 -11.48 -12.08 -14.84
CA VAL C 253 -10.03 -12.01 -14.96
C VAL C 253 -9.55 -10.59 -15.29
N GLY C 254 -10.45 -9.62 -15.13
CA GLY C 254 -10.10 -8.24 -15.36
C GLY C 254 -10.20 -7.62 -16.74
N ASN C 255 -10.75 -8.35 -17.71
CA ASN C 255 -10.87 -7.85 -19.08
C ASN C 255 -11.56 -6.49 -19.18
N CYS C 256 -12.69 -6.34 -18.50
CA CYS C 256 -13.46 -5.11 -18.53
C CYS C 256 -12.70 -3.96 -17.89
N VAL C 257 -12.01 -4.26 -16.80
CA VAL C 257 -11.25 -3.23 -16.10
C VAL C 257 -10.06 -2.72 -16.94
N VAL C 258 -9.24 -3.61 -17.47
CA VAL C 258 -8.10 -3.15 -18.26
C VAL C 258 -8.56 -2.45 -19.54
N GLN C 259 -9.67 -2.88 -20.14
CA GLN C 259 -10.09 -2.21 -21.36
C GLN C 259 -10.55 -0.79 -21.06
N ALA C 260 -11.22 -0.61 -19.93
CA ALA C 260 -11.71 0.69 -19.53
C ALA C 260 -10.53 1.64 -19.34
N ALA C 261 -9.48 1.16 -18.69
CA ALA C 261 -8.29 1.98 -18.46
C ALA C 261 -7.63 2.39 -19.78
N LEU C 262 -7.36 1.40 -20.64
CA LEU C 262 -6.70 1.65 -21.92
C LEU C 262 -7.49 2.46 -22.93
N GLU C 263 -8.77 2.20 -23.07
CA GLU C 263 -9.46 2.97 -24.03
C GLU C 263 -10.07 4.30 -23.55
N CYS C 264 -10.26 4.50 -22.25
CA CYS C 264 -10.80 5.80 -21.77
C CYS C 264 -9.89 6.64 -20.85
N GLY C 265 -8.78 6.05 -20.39
CA GLY C 265 -7.87 6.78 -19.53
C GLY C 265 -8.50 7.22 -18.21
N CYS C 266 -9.25 6.31 -17.59
CA CYS C 266 -9.90 6.58 -16.31
C CYS C 266 -8.83 6.87 -15.25
N ALA C 267 -9.18 7.71 -14.28
CA ALA C 267 -8.25 8.02 -13.21
C ALA C 267 -8.04 6.73 -12.41
N LEU C 268 -9.08 5.89 -12.39
CA LEU C 268 -9.03 4.62 -11.67
C LEU C 268 -10.00 3.61 -12.26
N SER C 269 -9.48 2.43 -12.58
CA SER C 269 -10.29 1.34 -13.11
C SER C 269 -10.16 0.27 -12.05
N PHE C 270 -11.27 -0.05 -11.41
CA PHE C 270 -11.28 -1.00 -10.31
C PHE C 270 -12.17 -2.22 -10.54
N GLY C 271 -11.72 -3.36 -10.04
CA GLY C 271 -12.50 -4.58 -10.17
C GLY C 271 -12.42 -5.42 -8.90
N CYS C 272 -13.51 -6.12 -8.57
CA CYS C 272 -13.53 -7.01 -7.40
C CYS C 272 -14.00 -8.37 -7.87
N GLU C 273 -13.26 -9.41 -7.51
CA GLU C 273 -13.61 -10.76 -7.91
C GLU C 273 -13.31 -11.70 -6.76
N ILE C 274 -14.24 -12.62 -6.50
CA ILE C 274 -14.11 -13.54 -5.40
C ILE C 274 -13.43 -14.88 -5.69
N MET C 275 -13.62 -15.41 -6.89
CA MET C 275 -13.03 -16.71 -7.23
C MET C 275 -11.51 -16.72 -7.23
N ASP C 276 -10.94 -17.77 -6.64
CA ASP C 276 -9.49 -17.91 -6.53
C ASP C 276 -8.77 -18.03 -7.87
N ASP C 277 -9.23 -18.93 -8.73
CA ASP C 277 -8.57 -19.11 -10.01
C ASP C 277 -8.68 -17.84 -10.88
N ALA C 278 -9.88 -17.27 -10.94
CA ALA C 278 -10.08 -16.06 -11.72
C ALA C 278 -9.15 -14.98 -11.18
N SER C 279 -8.95 -14.96 -9.86
CA SER C 279 -8.09 -13.96 -9.25
C SER C 279 -6.62 -14.15 -9.59
N ASP C 280 -6.17 -15.40 -9.65
CA ASP C 280 -4.77 -15.67 -9.98
C ASP C 280 -4.53 -15.23 -11.41
N LEU C 281 -5.46 -15.58 -12.29
CA LEU C 281 -5.32 -15.22 -13.70
C LEU C 281 -5.36 -13.70 -13.90
N THR C 282 -6.09 -12.98 -13.05
CA THR C 282 -6.16 -11.53 -13.14
C THR C 282 -4.76 -10.96 -12.94
N ILE C 283 -4.04 -11.51 -11.97
CA ILE C 283 -2.69 -11.04 -11.67
C ILE C 283 -1.74 -11.31 -12.84
N LEU C 284 -1.80 -12.52 -13.39
CA LEU C 284 -0.95 -12.89 -14.51
C LEU C 284 -1.23 -11.96 -15.71
N GLN C 285 -2.50 -11.78 -16.04
CA GLN C 285 -2.88 -10.93 -17.16
C GLN C 285 -2.45 -9.48 -16.91
N TYR C 286 -2.70 -9.00 -15.71
CA TYR C 286 -2.30 -7.63 -15.40
C TYR C 286 -0.79 -7.41 -15.58
N GLU C 287 -0.01 -8.34 -15.03
CA GLU C 287 1.43 -8.25 -15.12
C GLU C 287 1.97 -8.16 -16.51
N GLU C 288 1.45 -9.02 -17.38
CA GLU C 288 1.91 -9.07 -18.77
C GLU C 288 1.46 -7.80 -19.46
N LEU C 289 0.20 -7.44 -19.24
CA LEU C 289 -0.32 -6.24 -19.85
C LEU C 289 0.65 -5.07 -19.61
N LYS C 290 1.14 -4.96 -18.38
CA LYS C 290 2.01 -3.87 -18.02
C LYS C 290 3.29 -3.87 -18.80
N LYS C 291 3.89 -5.05 -18.93
CA LYS C 291 5.14 -5.17 -19.65
C LYS C 291 4.88 -4.80 -21.09
N ARG C 292 3.88 -5.40 -21.71
CA ARG C 292 3.61 -5.07 -23.10
C ARG C 292 3.30 -3.60 -23.29
N CYS C 293 2.65 -2.97 -22.32
CA CYS C 293 2.33 -1.57 -22.51
C CYS C 293 3.61 -0.72 -22.61
N LYS C 294 4.60 -1.02 -21.78
CA LYS C 294 5.85 -0.26 -21.81
C LYS C 294 6.59 -0.51 -23.13
N LEU C 295 6.43 -1.74 -23.63
CA LEU C 295 7.05 -2.17 -24.87
C LEU C 295 6.60 -1.32 -26.05
N TYR C 296 5.30 -1.02 -26.08
CA TYR C 296 4.76 -0.20 -27.15
C TYR C 296 4.62 1.25 -26.71
N GLY C 297 5.34 1.61 -25.64
CA GLY C 297 5.29 2.97 -25.16
C GLY C 297 3.91 3.49 -24.79
N MET C 298 3.01 2.60 -24.37
CA MET C 298 1.66 3.00 -24.00
C MET C 298 1.50 3.22 -22.50
N ARG C 299 0.77 4.27 -22.14
CA ARG C 299 0.53 4.58 -20.75
C ARG C 299 -0.65 3.79 -20.19
N LEU C 300 -0.46 3.09 -19.07
CA LEU C 300 -1.58 2.38 -18.46
C LEU C 300 -1.91 3.07 -17.15
N ASN C 301 -3.06 3.72 -17.12
CA ASN C 301 -3.51 4.41 -15.94
C ASN C 301 -3.79 3.45 -14.78
N ASN C 302 -4.01 4.03 -13.62
CA ASN C 302 -4.28 3.27 -12.39
C ASN C 302 -5.29 2.13 -12.52
N VAL C 303 -4.81 0.91 -12.32
CA VAL C 303 -5.65 -0.27 -12.37
C VAL C 303 -5.55 -0.89 -10.98
N GLU C 304 -6.69 -1.21 -10.36
CA GLU C 304 -6.68 -1.79 -9.01
C GLU C 304 -7.71 -2.90 -8.89
N PHE C 305 -7.37 -3.95 -8.15
CA PHE C 305 -8.29 -5.05 -7.94
C PHE C 305 -8.39 -5.43 -6.47
N SER C 306 -9.57 -5.92 -6.08
CA SER C 306 -9.81 -6.42 -4.73
C SER C 306 -10.05 -7.87 -5.08
N LEU C 307 -9.03 -8.71 -4.90
CA LEU C 307 -9.14 -10.10 -5.28
C LEU C 307 -9.35 -11.12 -4.17
N LYS C 308 -9.88 -12.28 -4.57
CA LYS C 308 -10.18 -13.39 -3.66
C LYS C 308 -11.02 -12.90 -2.49
N LYS C 309 -11.91 -11.96 -2.79
CA LYS C 309 -12.78 -11.36 -1.79
C LYS C 309 -14.15 -11.08 -2.40
N SER C 310 -15.17 -11.06 -1.55
CA SER C 310 -16.53 -10.76 -1.98
C SER C 310 -16.67 -9.23 -2.10
N PHE C 311 -17.48 -8.75 -3.04
CA PHE C 311 -17.67 -7.31 -3.11
C PHE C 311 -18.74 -6.89 -2.09
N VAL C 312 -19.32 -7.88 -1.43
CA VAL C 312 -20.32 -7.64 -0.38
C VAL C 312 -19.57 -7.42 0.93
N ASP C 313 -19.86 -6.32 1.62
CA ASP C 313 -19.21 -6.01 2.89
C ASP C 313 -17.72 -5.82 2.62
N ASN C 314 -17.42 -5.23 1.47
CA ASN C 314 -16.05 -4.96 1.06
C ASN C 314 -15.78 -3.48 1.29
N ASN C 315 -14.88 -3.16 2.22
CA ASN C 315 -14.60 -1.76 2.54
C ASN C 315 -14.06 -0.89 1.38
N ARG C 316 -13.20 -1.47 0.54
CA ARG C 316 -12.69 -0.68 -0.57
C ARG C 316 -13.83 -0.48 -1.54
N VAL C 317 -14.61 -1.52 -1.85
CA VAL C 317 -15.73 -1.32 -2.76
C VAL C 317 -16.65 -0.22 -2.26
N ALA C 318 -16.99 -0.28 -0.97
CA ALA C 318 -17.87 0.70 -0.35
C ALA C 318 -17.32 2.11 -0.39
N GLU C 319 -16.01 2.27 -0.24
CA GLU C 319 -15.49 3.64 -0.25
C GLU C 319 -15.41 4.21 -1.67
N LEU C 320 -15.31 3.33 -2.67
CA LEU C 320 -15.24 3.78 -4.05
C LEU C 320 -16.58 4.07 -4.72
N ILE C 321 -17.62 3.30 -4.37
CA ILE C 321 -18.94 3.51 -4.99
C ILE C 321 -19.34 4.98 -5.19
N PRO C 322 -19.29 5.79 -4.12
CA PRO C 322 -19.65 7.21 -4.19
C PRO C 322 -18.95 8.05 -5.25
N GLN C 323 -17.79 7.60 -5.71
CA GLN C 323 -17.09 8.38 -6.72
C GLN C 323 -17.12 7.76 -8.11
N CYS C 324 -17.69 6.57 -8.24
CA CYS C 324 -17.75 5.90 -9.54
C CYS C 324 -18.60 6.68 -10.54
N ASP C 325 -18.15 6.71 -11.79
CA ASP C 325 -18.88 7.38 -12.86
C ASP C 325 -19.58 6.29 -13.67
N VAL C 326 -18.95 5.13 -13.71
CA VAL C 326 -19.52 3.99 -14.41
C VAL C 326 -19.30 2.75 -13.58
N ILE C 327 -20.38 1.99 -13.39
CA ILE C 327 -20.32 0.76 -12.63
C ILE C 327 -20.85 -0.35 -13.50
N LEU C 328 -20.05 -1.40 -13.64
CA LEU C 328 -20.43 -2.51 -14.48
C LEU C 328 -20.66 -3.74 -13.60
N VAL C 329 -21.74 -4.47 -13.89
CA VAL C 329 -22.03 -5.67 -13.13
C VAL C 329 -22.76 -6.66 -14.00
N ASN C 330 -22.08 -7.75 -14.32
CA ASN C 330 -22.67 -8.81 -15.12
C ASN C 330 -23.47 -9.70 -14.19
N ASN C 331 -24.71 -9.29 -13.93
CA ASN C 331 -25.59 -10.01 -13.04
C ASN C 331 -26.48 -10.98 -13.83
N PHE C 332 -26.00 -11.39 -15.00
CA PHE C 332 -26.79 -12.28 -15.82
C PHE C 332 -27.23 -13.54 -15.08
N LEU C 333 -26.33 -14.14 -14.31
CA LEU C 333 -26.64 -15.37 -13.58
C LEU C 333 -26.81 -15.19 -12.07
N PHE C 334 -26.85 -13.94 -11.63
CA PHE C 334 -27.00 -13.65 -10.21
C PHE C 334 -28.39 -14.05 -9.71
N ASP C 335 -28.48 -14.64 -8.52
CA ASP C 335 -29.77 -15.01 -7.97
C ASP C 335 -30.39 -13.82 -7.25
N GLU C 336 -31.64 -13.97 -6.83
CA GLU C 336 -32.34 -12.87 -6.16
C GLU C 336 -31.64 -12.31 -4.93
N ASP C 337 -31.10 -13.18 -4.07
CA ASP C 337 -30.42 -12.68 -2.89
C ASP C 337 -29.18 -11.84 -3.24
N LEU C 338 -28.37 -12.32 -4.17
CA LEU C 338 -27.17 -11.57 -4.58
C LEU C 338 -27.60 -10.23 -5.16
N ASN C 339 -28.63 -10.22 -6.00
CA ASN C 339 -29.09 -8.97 -6.57
C ASN C 339 -29.51 -8.01 -5.49
N LYS C 340 -30.06 -8.54 -4.40
CA LYS C 340 -30.48 -7.70 -3.29
C LYS C 340 -29.22 -7.07 -2.67
N LYS C 341 -28.16 -7.85 -2.57
CA LYS C 341 -26.90 -7.35 -2.02
C LYS C 341 -26.32 -6.27 -2.94
N VAL C 342 -26.41 -6.49 -4.25
CA VAL C 342 -25.90 -5.51 -5.21
C VAL C 342 -26.69 -4.21 -5.00
N GLU C 343 -28.00 -4.37 -4.85
CA GLU C 343 -28.88 -3.21 -4.63
C GLU C 343 -28.38 -2.39 -3.45
N LYS C 344 -28.06 -3.08 -2.36
CA LYS C 344 -27.56 -2.41 -1.17
C LYS C 344 -26.25 -1.67 -1.47
N ILE C 345 -25.34 -2.35 -2.16
CA ILE C 345 -24.07 -1.73 -2.50
C ILE C 345 -24.22 -0.46 -3.32
N LEU C 346 -25.19 -0.43 -4.23
CA LEU C 346 -25.40 0.74 -5.08
C LEU C 346 -26.05 1.96 -4.42
N GLN C 347 -26.59 1.79 -3.21
CA GLN C 347 -27.27 2.88 -2.52
C GLN C 347 -26.51 4.21 -2.43
N THR C 348 -25.19 4.18 -2.38
CA THR C 348 -24.44 5.43 -2.27
C THR C 348 -23.91 6.03 -3.57
N ALA C 349 -24.30 5.49 -4.71
CA ALA C 349 -23.82 6.03 -5.97
C ALA C 349 -24.20 7.51 -6.13
N LYS C 350 -23.37 8.27 -6.84
CA LYS C 350 -23.63 9.70 -7.02
C LYS C 350 -24.50 10.01 -8.25
N VAL C 351 -25.11 11.19 -8.25
CA VAL C 351 -25.94 11.63 -9.36
C VAL C 351 -25.08 11.63 -10.63
N GLY C 352 -25.63 11.08 -11.71
CA GLY C 352 -24.89 11.03 -12.96
C GLY C 352 -24.21 9.68 -13.19
N CYS C 353 -24.00 8.91 -12.13
CA CYS C 353 -23.36 7.60 -12.26
C CYS C 353 -24.20 6.71 -13.17
N LYS C 354 -23.52 5.99 -14.05
CA LYS C 354 -24.23 5.08 -14.94
C LYS C 354 -23.86 3.66 -14.56
N ILE C 355 -24.87 2.81 -14.44
CA ILE C 355 -24.67 1.42 -14.09
C ILE C 355 -25.07 0.54 -15.26
N ILE C 356 -24.15 -0.30 -15.68
CA ILE C 356 -24.37 -1.23 -16.80
C ILE C 356 -24.63 -2.63 -16.23
N SER C 357 -25.70 -3.26 -16.69
CA SER C 357 -26.02 -4.60 -16.22
C SER C 357 -26.69 -5.41 -17.33
N LEU C 358 -26.73 -6.74 -17.17
CA LEU C 358 -27.35 -7.58 -18.19
C LEU C 358 -28.80 -7.89 -17.86
N LYS C 359 -29.16 -7.69 -16.60
CA LYS C 359 -30.53 -7.89 -16.15
C LYS C 359 -30.83 -6.57 -15.43
N SER C 360 -32.07 -6.11 -15.53
CA SER C 360 -32.41 -4.87 -14.86
C SER C 360 -32.15 -4.97 -13.38
N LEU C 361 -31.73 -3.85 -12.80
CA LEU C 361 -31.44 -3.81 -11.36
C LEU C 361 -32.79 -3.74 -10.60
N ARG C 362 -33.70 -2.92 -11.11
CA ARG C 362 -35.02 -2.70 -10.50
C ARG C 362 -36.08 -3.66 -10.97
N SER C 363 -36.79 -4.23 -10.00
CA SER C 363 -37.89 -5.14 -10.27
C SER C 363 -38.96 -4.38 -11.01
N LEU C 364 -39.64 -5.04 -11.94
CA LEU C 364 -40.70 -4.40 -12.70
C LEU C 364 -41.88 -3.98 -11.84
N THR C 365 -41.99 -4.55 -10.64
CA THR C 365 -43.10 -4.25 -9.73
C THR C 365 -42.76 -3.16 -8.71
N TYR C 366 -41.68 -2.44 -8.96
CA TYR C 366 -41.26 -1.41 -8.03
C TYR C 366 -42.17 -0.19 -7.89
N GLN C 367 -42.37 0.22 -6.64
CA GLN C 367 -43.19 1.38 -6.32
C GLN C 367 -42.59 2.08 -5.11
N ILE C 368 -42.68 3.40 -5.06
CA ILE C 368 -42.13 4.19 -3.96
C ILE C 368 -43.11 4.28 -2.76
N ASN C 369 -42.60 3.92 -1.58
CA ASN C 369 -43.35 3.95 -0.31
C ASN C 369 -42.65 4.90 0.64
N PHE C 370 -43.24 5.09 1.82
CA PHE C 370 -42.62 5.94 2.83
C PHE C 370 -41.45 5.07 3.31
N TYR C 371 -41.62 3.76 3.17
CA TYR C 371 -40.62 2.78 3.58
C TYR C 371 -39.34 2.83 2.73
N ASN C 372 -39.48 2.82 1.41
CA ASN C 372 -38.31 2.84 0.55
C ASN C 372 -38.02 4.23 -0.01
N VAL C 373 -38.59 5.26 0.62
CA VAL C 373 -38.41 6.62 0.15
C VAL C 373 -36.95 6.97 -0.11
N GLU C 374 -36.05 6.24 0.54
CA GLU C 374 -34.63 6.48 0.37
C GLU C 374 -33.90 5.57 -0.64
N ASN C 375 -34.53 4.52 -1.14
CA ASN C 375 -33.83 3.62 -2.07
C ASN C 375 -33.39 4.39 -3.33
N ILE C 376 -32.13 4.26 -3.69
CA ILE C 376 -31.62 4.94 -4.86
C ILE C 376 -32.37 4.49 -6.13
N PHE C 377 -32.93 3.28 -6.10
CA PHE C 377 -33.69 2.76 -7.23
C PHE C 377 -34.82 3.71 -7.64
N ASN C 378 -35.29 4.54 -6.70
CA ASN C 378 -36.38 5.46 -6.97
C ASN C 378 -36.01 6.57 -7.93
N ARG C 379 -34.72 6.88 -8.04
CA ARG C 379 -34.32 7.97 -8.93
C ARG C 379 -33.35 7.58 -10.02
N LEU C 380 -33.57 6.37 -10.46
CA LEU C 380 -32.68 5.75 -11.42
C LEU C 380 -33.43 5.69 -12.80
N LYS C 381 -32.84 6.23 -13.87
CA LYS C 381 -33.45 6.17 -15.20
C LYS C 381 -32.95 4.88 -15.83
N VAL C 382 -33.87 3.99 -16.20
CA VAL C 382 -33.49 2.72 -16.78
C VAL C 382 -33.76 2.64 -18.28
N GLN C 383 -32.73 2.31 -19.04
CA GLN C 383 -32.86 2.20 -20.49
C GLN C 383 -32.41 0.82 -20.94
N ARG C 384 -33.27 0.13 -21.69
CA ARG C 384 -32.98 -1.20 -22.18
C ARG C 384 -32.45 -1.14 -23.60
N TYR C 385 -31.58 -2.08 -23.95
CA TYR C 385 -30.99 -2.12 -25.29
C TYR C 385 -30.88 -3.58 -25.72
N ASP C 386 -30.88 -3.83 -27.02
CA ASP C 386 -30.74 -5.20 -27.51
C ASP C 386 -29.26 -5.52 -27.60
N LEU C 387 -28.89 -6.75 -27.28
CA LEU C 387 -27.50 -7.15 -27.38
C LEU C 387 -27.20 -7.41 -28.85
N LYS C 388 -26.10 -6.86 -29.36
CA LYS C 388 -25.73 -7.10 -30.75
C LYS C 388 -25.13 -8.51 -30.79
N GLU C 389 -24.92 -9.01 -32.00
CA GLU C 389 -24.36 -10.33 -32.17
C GLU C 389 -22.98 -10.45 -31.52
N ASP C 390 -22.75 -11.57 -30.84
CA ASP C 390 -21.48 -11.84 -30.18
C ASP C 390 -21.02 -10.74 -29.22
N SER C 391 -21.91 -10.33 -28.32
CA SER C 391 -21.55 -9.30 -27.36
C SER C 391 -21.04 -9.95 -26.08
N VAL C 392 -21.57 -11.13 -25.78
CA VAL C 392 -21.19 -11.88 -24.59
C VAL C 392 -20.80 -13.31 -24.97
N SER C 393 -20.02 -13.96 -24.13
CA SER C 393 -19.52 -15.30 -24.40
C SER C 393 -20.53 -16.46 -24.32
N TRP C 394 -21.61 -16.28 -23.58
CA TRP C 394 -22.58 -17.35 -23.42
C TRP C 394 -23.64 -17.48 -24.50
N THR C 395 -23.63 -16.59 -25.47
CA THR C 395 -24.60 -16.66 -26.55
C THR C 395 -24.14 -15.91 -27.78
N HIS C 396 -24.57 -16.40 -28.94
CA HIS C 396 -24.22 -15.83 -30.23
C HIS C 396 -25.05 -14.60 -30.56
N SER C 397 -26.36 -14.72 -30.37
CA SER C 397 -27.27 -13.62 -30.64
C SER C 397 -28.35 -13.54 -29.60
N GLY C 398 -29.16 -12.49 -29.69
CA GLY C 398 -30.25 -12.29 -28.76
C GLY C 398 -29.81 -11.66 -27.45
N GLY C 399 -30.77 -11.49 -26.54
CA GLY C 399 -30.47 -10.91 -25.25
C GLY C 399 -30.57 -9.40 -25.23
N GLU C 400 -30.36 -8.82 -24.06
CA GLU C 400 -30.43 -7.38 -23.88
C GLU C 400 -29.51 -6.97 -22.74
N TYR C 401 -29.38 -5.67 -22.54
CA TYR C 401 -28.57 -5.15 -21.46
C TYR C 401 -29.17 -3.82 -21.04
N TYR C 402 -28.79 -3.34 -19.87
CA TYR C 402 -29.35 -2.11 -19.38
C TYR C 402 -28.32 -1.10 -18.94
N ILE C 403 -28.71 0.17 -19.04
CA ILE C 403 -27.90 1.27 -18.57
C ILE C 403 -28.84 2.07 -17.69
N SER C 404 -28.52 2.11 -16.41
CA SER C 404 -29.32 2.82 -15.43
C SER C 404 -28.56 4.04 -14.96
N THR C 405 -29.16 5.21 -15.11
CA THR C 405 -28.50 6.45 -14.71
C THR C 405 -29.07 6.98 -13.40
N VAL C 406 -28.19 7.36 -12.48
CA VAL C 406 -28.66 7.91 -11.21
C VAL C 406 -29.05 9.36 -11.42
N MET C 407 -30.34 9.64 -11.26
CA MET C 407 -30.87 11.00 -11.43
C MET C 407 -30.99 11.74 -10.09
N GLU C 408 -30.96 13.05 -10.19
CA GLU C 408 -31.10 13.95 -9.06
C GLU C 408 -32.50 13.79 -8.45
N ASP C 409 -33.53 13.83 -9.31
CA ASP C 409 -34.93 13.73 -8.89
C ASP C 409 -35.58 12.35 -9.10
N VAL C 410 -36.61 12.10 -8.31
CA VAL C 410 -37.34 10.83 -8.37
C VAL C 410 -38.00 10.57 -9.74
N ASP C 411 -38.18 9.30 -10.06
CA ASP C 411 -38.86 8.89 -11.29
C ASP C 411 -40.32 9.09 -10.92
N GLU C 412 -40.96 10.13 -11.45
CA GLU C 412 -42.35 10.40 -11.15
C GLU C 412 -43.34 9.28 -11.50
N SER C 413 -42.94 8.33 -12.33
CA SER C 413 -43.86 7.25 -12.69
C SER C 413 -43.85 6.13 -11.66
N LEU C 414 -42.86 6.13 -10.78
CA LEU C 414 -42.74 5.08 -9.77
C LEU C 414 -43.71 5.17 -8.58
N PHE C 415 -44.38 6.31 -8.41
CA PHE C 415 -45.33 6.45 -7.32
C PHE C 415 -46.60 5.65 -7.59
N SER C 416 -46.80 5.29 -8.86
CA SER C 416 -47.97 4.52 -9.27
C SER C 416 -47.62 3.04 -9.38
N PRO C 417 -48.66 2.19 -9.54
CA PRO C 417 -48.47 0.73 -9.65
C PRO C 417 -47.50 0.24 -10.72
N ALA C 418 -46.68 -0.72 -10.31
CA ALA C 418 -45.73 -1.38 -11.18
C ALA C 418 -46.25 -2.79 -11.04
N ALA C 419 -47.47 -2.85 -10.49
CA ALA C 419 -48.20 -4.08 -10.27
C ALA C 419 -48.69 -4.52 -11.63
N ARG C 420 -48.56 -3.62 -12.60
CA ARG C 420 -48.97 -3.87 -13.98
C ARG C 420 -47.82 -4.61 -14.69
N ARG C 425 -10.99 -17.60 -28.45
CA ARG C 425 -11.63 -16.26 -28.31
C ARG C 425 -11.29 -15.42 -29.54
N THR C 427 -7.08 -19.19 -35.51
CA THR C 427 -6.95 -18.60 -36.84
C THR C 427 -8.11 -17.64 -37.10
N PRO C 428 -7.94 -16.37 -36.71
CA PRO C 428 -8.97 -15.34 -36.88
C PRO C 428 -9.32 -15.07 -38.33
N VAL C 429 -10.43 -14.36 -38.53
CA VAL C 429 -10.87 -14.01 -39.86
C VAL C 429 -9.93 -12.93 -40.40
N LYS C 430 -9.67 -12.95 -41.70
CA LYS C 430 -8.83 -11.93 -42.29
C LYS C 430 -9.81 -10.97 -42.95
N TYR C 431 -9.32 -9.85 -43.45
CA TYR C 431 -10.25 -8.88 -44.02
C TYR C 431 -10.09 -8.54 -45.49
N THR C 432 -11.14 -7.91 -46.01
CA THR C 432 -11.17 -7.45 -47.38
C THR C 432 -10.21 -6.27 -47.39
N ARG C 433 -9.61 -5.99 -48.54
CA ARG C 433 -8.67 -4.88 -48.64
C ARG C 433 -9.40 -3.63 -49.13
#